data_6XPQ
#
_entry.id   6XPQ
#
_cell.length_a   115.360
_cell.length_b   162.800
_cell.length_c   202.390
_cell.angle_alpha   90.000
_cell.angle_beta   90.000
_cell.angle_gamma   90.000
#
_symmetry.space_group_name_H-M   'C 2 2 21'
#
loop_
_entity.id
_entity.type
_entity.pdbx_description
1 polymer Hemagglutinin
2 polymer 'antibody  D1 H1-17/H3-14 light chain'
3 polymer 'antibody D1 H1-17/H3-14 heavy chain'
4 branched beta-D-mannopyranose-(1-4)-2-acetamido-2-deoxy-beta-D-glucopyranose-(1-4)-2-acetamido-2-deoxy-beta-D-glucopyranose
#
loop_
_entity_poly.entity_id
_entity_poly.type
_entity_poly.pdbx_seq_one_letter_code
_entity_poly.pdbx_strand_id
1 'polypeptide(L)'
;TNATELVQNSSIGEICDSPHQILDGENCTLIDALLGDPQCDGFQNKKWDLFVERSKAYSNCYPYDVPDYASLRSLVASSG
TLEFNNESFNWNGVTQNGTSSACIRRSNNSFFSRLNWLTHLNFKYPALNVTMPNNEQFDKLYIWGVHHPVTDKDQIFLYA
QPSGRITVSTKRSQQAVIPNIGFRPRIRNIPSRISIYWTIVKPGDILLINSTGNLIAPRGYFKIRSGKSSIMRSDAPIGK
CKSECITPNGSIPNDKPFQNVNRITYGACPRYVKQSTLKLATGGALEVLFQ
;
A
2 'polypeptide(L)'
;DIRVTQSPSSLSASVGDRVTITCRASQSISRSLNWYQQRPGKAPKFLIYAASNLQSGVPSRFSGGGSGTDFTLTISSLQP
EDFATYYCQETYSRTFGQGTKADIKRTVAAPSVFIFPPSDEQLKSGTASVVCLLNNFYPREAKVQWKVDNALQSGNSQES
VTEQDSKDSTYSLSSTLTLSKADYEKHKVYACEVTHQGLSSPVTKSFNRGEC
;
C
3 'polypeptide(L)'
;QVQLQESGPGLVKPSESLSLTCSVSGGSVSSNLHYWSWIRQLPGKGLEWIGYISYTGSTKYNPSLNGRVTLSIDASKNQF
SLELSSVTAADTAVYYCARDFFEKLIADDLNAFDIWGQGTMVTVSGASTKGPSVFPLAPSSKSTSGGTAALGCLVKDYFP
EPVTVSWNSGALTSGVHTFPAVLQSSGLYSLSSVVTVPSSSLGTQTYICNVNHKPSNTKVDKRVEPKSCDKGSSLEVLFQ
GPLGHHHHHH
;
B
#
# COMPACT_ATOMS: atom_id res chain seq x y z
N ALA A 3 22.39 43.87 14.47
CA ALA A 3 21.51 42.75 14.19
C ALA A 3 21.11 42.03 15.49
N THR A 4 21.09 42.79 16.58
CA THR A 4 20.74 42.22 17.88
C THR A 4 19.61 43.02 18.54
N GLU A 5 19.89 44.28 18.88
CA GLU A 5 18.89 45.10 19.56
C GLU A 5 17.74 45.47 18.63
N LEU A 6 18.00 45.52 17.31
CA LEU A 6 17.02 46.00 16.34
C LEU A 6 16.29 44.88 15.63
N VAL A 7 16.33 43.67 16.16
CA VAL A 7 15.68 42.51 15.54
C VAL A 7 14.64 41.96 16.50
N GLN A 8 13.40 41.84 16.02
CA GLN A 8 12.33 41.23 16.80
C GLN A 8 12.44 39.72 16.65
N ASN A 9 12.74 39.02 17.75
CA ASN A 9 13.06 37.60 17.71
C ASN A 9 12.06 36.73 18.44
N SER A 10 10.99 37.30 19.00
CA SER A 10 10.04 36.53 19.79
C SER A 10 8.61 36.89 19.38
N SER A 11 7.68 36.02 19.78
CA SER A 11 6.27 36.21 19.55
C SER A 11 5.51 35.94 20.84
N ILE A 12 4.28 36.45 20.92
CA ILE A 12 3.43 36.22 22.08
C ILE A 12 2.77 34.85 22.06
N GLY A 13 2.99 34.06 21.01
CA GLY A 13 2.45 32.72 20.95
C GLY A 13 1.02 32.60 20.46
N GLU A 14 0.35 33.71 20.18
CA GLU A 14 -1.03 33.67 19.72
C GLU A 14 -1.29 34.86 18.81
N ILE A 15 -2.36 34.75 18.02
CA ILE A 15 -2.70 35.73 16.99
C ILE A 15 -3.79 36.64 17.53
N CYS A 16 -3.57 37.95 17.39
CA CYS A 16 -4.54 38.95 17.86
C CYS A 16 -5.70 39.05 16.87
N ASP A 17 -6.92 39.05 17.41
CA ASP A 17 -8.13 39.20 16.60
C ASP A 17 -8.44 40.66 16.28
N SER A 18 -7.48 41.56 16.45
CA SER A 18 -7.67 42.99 16.23
C SER A 18 -6.36 43.57 15.73
N PRO A 19 -6.40 44.58 14.84
CA PRO A 19 -7.60 45.19 14.26
C PRO A 19 -8.17 44.41 13.09
N HIS A 20 -7.54 43.29 12.75
CA HIS A 20 -7.92 42.49 11.60
C HIS A 20 -8.98 41.47 11.97
N GLN A 21 -10.00 41.33 11.12
CA GLN A 21 -11.03 40.34 11.34
C GLN A 21 -10.47 38.95 11.07
N ILE A 22 -10.31 38.16 12.13
CA ILE A 22 -9.69 36.84 12.05
C ILE A 22 -10.79 35.79 12.02
N LEU A 23 -10.70 34.87 11.07
CA LEU A 23 -11.58 33.72 10.97
C LEU A 23 -10.76 32.46 11.13
N ASP A 24 -11.13 31.61 12.08
CA ASP A 24 -10.39 30.40 12.37
C ASP A 24 -10.99 29.22 11.62
N GLY A 25 -10.12 28.32 11.16
CA GLY A 25 -10.55 27.21 10.33
C GLY A 25 -11.02 25.98 11.09
N GLU A 26 -10.39 25.72 12.24
CA GLU A 26 -10.68 24.54 13.06
C GLU A 26 -10.42 23.30 12.19
N ASN A 27 -11.40 22.40 12.03
CA ASN A 27 -11.23 21.21 11.20
C ASN A 27 -11.51 21.46 9.72
N CYS A 28 -11.64 22.71 9.29
CA CYS A 28 -12.03 23.03 7.92
C CYS A 28 -10.91 23.73 7.19
N THR A 29 -10.78 23.42 5.90
CA THR A 29 -9.96 24.21 4.99
C THR A 29 -10.84 25.26 4.32
N LEU A 30 -10.19 26.15 3.55
CA LEU A 30 -10.94 27.19 2.85
C LEU A 30 -11.82 26.58 1.77
N ILE A 31 -11.35 25.53 1.12
CA ILE A 31 -12.12 24.94 0.02
C ILE A 31 -13.21 24.01 0.54
N ASP A 32 -12.97 23.33 1.66
CA ASP A 32 -14.03 22.55 2.30
C ASP A 32 -15.20 23.44 2.67
N ALA A 33 -14.92 24.64 3.19
CA ALA A 33 -15.99 25.59 3.47
C ALA A 33 -16.54 26.21 2.19
N LEU A 34 -15.72 26.27 1.14
CA LEU A 34 -16.19 26.82 -0.13
C LEU A 34 -17.21 25.89 -0.78
N LEU A 35 -16.90 24.59 -0.86
CA LEU A 35 -17.77 23.66 -1.56
C LEU A 35 -19.05 23.37 -0.78
N GLY A 36 -18.95 23.31 0.54
CA GLY A 36 -20.11 23.00 1.36
C GLY A 36 -19.97 21.71 2.11
N ASP A 37 -18.79 21.48 2.68
CA ASP A 37 -18.56 20.29 3.49
C ASP A 37 -19.44 20.36 4.73
N PRO A 38 -20.27 19.34 5.01
CA PRO A 38 -21.21 19.41 6.14
C PRO A 38 -20.62 19.92 7.46
N GLN A 39 -19.39 19.50 7.80
CA GLN A 39 -18.77 20.02 9.01
C GLN A 39 -18.41 21.50 8.90
N CYS A 40 -18.43 22.07 7.70
CA CYS A 40 -18.04 23.44 7.46
C CYS A 40 -19.23 24.35 7.17
N ASP A 41 -20.45 23.91 7.46
CA ASP A 41 -21.63 24.70 7.16
C ASP A 41 -21.71 25.97 8.00
N GLY A 42 -21.03 26.01 9.14
CA GLY A 42 -21.00 27.21 9.96
C GLY A 42 -20.29 28.39 9.33
N PHE A 43 -19.49 28.15 8.28
CA PHE A 43 -18.71 29.20 7.65
C PHE A 43 -19.44 29.89 6.50
N GLN A 44 -20.66 29.47 6.18
CA GLN A 44 -21.33 30.00 5.00
C GLN A 44 -21.58 31.50 5.12
N ASN A 45 -21.19 32.23 4.08
CA ASN A 45 -21.46 33.66 3.94
C ASN A 45 -20.74 34.49 4.99
N LYS A 46 -19.55 34.07 5.41
CA LYS A 46 -18.75 34.84 6.36
C LYS A 46 -17.66 35.63 5.64
N LYS A 47 -17.19 36.68 6.30
CA LYS A 47 -16.15 37.56 5.81
C LYS A 47 -14.90 37.41 6.67
N TRP A 48 -13.78 37.93 6.16
CA TRP A 48 -12.53 37.86 6.90
C TRP A 48 -11.51 38.80 6.26
N ASP A 49 -10.57 39.25 7.09
CA ASP A 49 -9.35 39.88 6.60
C ASP A 49 -8.19 38.92 6.51
N LEU A 50 -8.16 37.92 7.39
CA LEU A 50 -7.14 36.86 7.37
C LEU A 50 -7.77 35.59 7.90
N PHE A 51 -7.75 34.53 7.10
CA PHE A 51 -8.36 33.26 7.45
C PHE A 51 -7.25 32.23 7.70
N VAL A 52 -7.29 31.61 8.87
CA VAL A 52 -6.20 30.73 9.33
C VAL A 52 -6.66 29.29 9.16
N GLU A 53 -6.01 28.57 8.23
CA GLU A 53 -6.22 27.15 8.11
C GLU A 53 -5.38 26.41 9.16
N ARG A 54 -5.96 25.37 9.74
CA ARG A 54 -5.27 24.54 10.71
C ARG A 54 -4.75 23.28 10.03
N SER A 55 -3.60 22.80 10.51
CA SER A 55 -3.05 21.56 9.99
C SER A 55 -3.91 20.35 10.36
N LYS A 56 -4.77 20.49 11.36
CA LYS A 56 -5.70 19.44 11.75
C LYS A 56 -6.90 19.34 10.83
N ALA A 57 -7.03 20.24 9.84
CA ALA A 57 -8.18 20.24 8.98
C ALA A 57 -8.23 19.00 8.11
N TYR A 58 -9.45 18.56 7.80
CA TYR A 58 -9.66 17.37 7.00
C TYR A 58 -11.00 17.49 6.26
N SER A 59 -11.14 16.70 5.20
CA SER A 59 -12.37 16.66 4.43
C SER A 59 -13.20 15.46 4.86
N ASN A 60 -14.48 15.69 5.12
CA ASN A 60 -15.39 14.64 5.56
C ASN A 60 -16.61 14.54 4.65
N CYS A 61 -16.45 14.91 3.39
CA CYS A 61 -17.54 14.75 2.42
C CYS A 61 -17.14 13.73 1.37
N TYR A 62 -17.44 14.02 0.10
CA TYR A 62 -17.23 13.07 -0.98
C TYR A 62 -15.97 13.49 -1.73
N PRO A 63 -14.95 12.63 -1.82
CA PRO A 63 -13.61 13.09 -2.24
C PRO A 63 -13.62 13.87 -3.54
N TYR A 64 -12.73 14.87 -3.61
CA TYR A 64 -12.74 15.90 -4.63
C TYR A 64 -11.31 16.31 -4.93
N ASP A 65 -11.03 16.63 -6.19
CA ASP A 65 -9.72 17.15 -6.58
C ASP A 65 -9.88 18.47 -7.34
N VAL A 66 -8.85 19.30 -7.25
CA VAL A 66 -8.88 20.64 -7.82
C VAL A 66 -7.58 20.92 -8.58
N PRO A 67 -7.60 20.93 -9.91
CA PRO A 67 -6.45 21.46 -10.66
C PRO A 67 -6.30 22.95 -10.40
N ASP A 68 -5.05 23.40 -10.31
CA ASP A 68 -4.71 24.73 -9.82
C ASP A 68 -5.41 25.00 -8.48
N TYR A 69 -4.91 24.27 -7.48
CA TYR A 69 -5.42 24.32 -6.12
C TYR A 69 -4.85 25.49 -5.33
N ALA A 70 -3.66 25.97 -5.69
CA ALA A 70 -3.10 27.16 -5.05
C ALA A 70 -3.59 28.43 -5.72
N SER A 71 -4.18 28.32 -6.91
CA SER A 71 -4.79 29.48 -7.56
C SER A 71 -6.16 29.77 -6.96
N LEU A 72 -7.02 28.74 -6.89
CA LEU A 72 -8.36 28.93 -6.35
C LEU A 72 -8.33 29.29 -4.87
N ARG A 73 -7.41 28.70 -4.12
CA ARG A 73 -7.30 29.02 -2.70
C ARG A 73 -6.87 30.47 -2.48
N SER A 74 -5.93 30.96 -3.30
CA SER A 74 -5.46 32.33 -3.17
C SER A 74 -6.44 33.34 -3.75
N LEU A 75 -7.31 32.92 -4.69
CA LEU A 75 -8.35 33.80 -5.18
C LEU A 75 -9.38 34.09 -4.10
N VAL A 76 -9.99 33.04 -3.55
CA VAL A 76 -11.00 33.21 -2.51
C VAL A 76 -10.41 33.93 -1.31
N ALA A 77 -9.13 33.67 -1.00
CA ALA A 77 -8.50 34.32 0.13
C ALA A 77 -8.32 35.82 -0.11
N SER A 78 -7.92 36.20 -1.32
CA SER A 78 -7.72 37.61 -1.63
C SER A 78 -9.03 38.39 -1.71
N SER A 79 -10.16 37.70 -1.83
CA SER A 79 -11.45 38.39 -1.85
C SER A 79 -11.93 38.67 -0.43
N GLY A 80 -11.91 37.67 0.43
CA GLY A 80 -12.29 37.85 1.81
C GLY A 80 -13.78 37.75 2.08
N THR A 81 -14.47 36.84 1.40
CA THR A 81 -15.90 36.67 1.59
C THR A 81 -16.34 35.32 1.03
N LEU A 82 -17.43 34.80 1.59
CA LEU A 82 -18.05 33.57 1.11
C LEU A 82 -19.52 33.80 0.79
N GLU A 83 -19.89 35.03 0.46
CA GLU A 83 -21.27 35.35 0.13
C GLU A 83 -21.71 34.60 -1.11
N PHE A 84 -22.79 33.82 -0.98
CA PHE A 84 -23.26 32.94 -2.04
C PHE A 84 -24.75 33.19 -2.27
N ASN A 85 -25.11 33.46 -3.52
CA ASN A 85 -26.48 33.74 -3.90
C ASN A 85 -27.00 32.62 -4.78
N ASN A 86 -28.06 31.96 -4.34
CA ASN A 86 -28.65 30.87 -5.10
C ASN A 86 -29.32 31.41 -6.36
N GLU A 87 -28.99 30.84 -7.50
CA GLU A 87 -29.69 31.15 -8.74
C GLU A 87 -30.53 29.95 -9.18
N SER A 88 -31.52 30.25 -10.03
CA SER A 88 -32.46 29.24 -10.49
C SER A 88 -32.02 28.73 -11.86
N PHE A 89 -31.07 27.78 -11.82
CA PHE A 89 -30.75 27.01 -13.02
C PHE A 89 -31.87 26.01 -13.28
N ASN A 90 -32.40 26.02 -14.50
CA ASN A 90 -33.52 25.16 -14.87
C ASN A 90 -32.97 23.91 -15.54
N TRP A 91 -32.72 22.87 -14.74
CA TRP A 91 -32.18 21.61 -15.24
C TRP A 91 -33.35 20.66 -15.58
N ASN A 92 -34.00 20.97 -16.70
CA ASN A 92 -35.18 20.21 -17.10
C ASN A 92 -34.76 18.90 -17.78
N GLY A 93 -35.27 17.78 -17.26
CA GLY A 93 -34.97 16.48 -17.79
C GLY A 93 -33.95 15.68 -17.00
N VAL A 94 -33.67 16.06 -15.76
CA VAL A 94 -32.60 15.46 -14.95
C VAL A 94 -33.14 15.20 -13.56
N THR A 95 -32.29 14.61 -12.71
CA THR A 95 -32.56 14.45 -11.29
C THR A 95 -31.54 15.26 -10.51
N GLN A 96 -32.00 16.09 -9.57
CA GLN A 96 -31.15 17.01 -8.85
C GLN A 96 -30.91 16.51 -7.44
N ASN A 97 -30.10 17.27 -6.69
CA ASN A 97 -29.82 17.02 -5.27
C ASN A 97 -29.36 15.58 -5.03
N GLY A 98 -28.40 15.14 -5.84
CA GLY A 98 -27.82 13.83 -5.64
C GLY A 98 -27.00 13.79 -4.35
N THR A 99 -27.16 12.70 -3.60
CA THR A 99 -26.51 12.55 -2.30
C THR A 99 -25.54 11.39 -2.32
N SER A 100 -24.69 11.35 -1.30
CA SER A 100 -23.67 10.32 -1.15
C SER A 100 -23.65 9.83 0.29
N SER A 101 -23.19 8.58 0.47
CA SER A 101 -23.14 7.97 1.79
C SER A 101 -21.95 8.42 2.62
N ALA A 102 -20.95 9.07 2.01
CA ALA A 102 -19.78 9.54 2.74
C ALA A 102 -19.79 11.04 2.95
N CYS A 103 -20.90 11.72 2.63
CA CYS A 103 -21.05 13.16 2.86
C CYS A 103 -22.28 13.34 3.73
N ILE A 104 -22.13 13.04 5.02
CA ILE A 104 -23.24 12.94 5.96
C ILE A 104 -23.40 14.26 6.71
N ARG A 105 -24.64 14.73 6.81
CA ARG A 105 -24.99 15.81 7.72
C ARG A 105 -26.37 15.50 8.30
N ARG A 106 -26.53 15.81 9.59
CA ARG A 106 -27.77 15.53 10.32
C ARG A 106 -28.18 14.06 10.19
N SER A 107 -27.17 13.18 10.13
CA SER A 107 -27.38 11.74 10.05
C SER A 107 -28.18 11.33 8.81
N ASN A 108 -27.85 11.95 7.67
CA ASN A 108 -28.52 11.65 6.41
C ASN A 108 -27.52 11.74 5.27
N ASN A 109 -27.82 11.02 4.18
CA ASN A 109 -27.03 11.12 2.97
C ASN A 109 -27.22 12.50 2.36
N SER A 110 -26.12 13.21 2.15
CA SER A 110 -26.18 14.57 1.65
C SER A 110 -25.06 14.77 0.62
N PHE A 111 -24.74 16.02 0.33
CA PHE A 111 -23.75 16.38 -0.66
C PHE A 111 -23.26 17.79 -0.33
N PHE A 112 -22.39 18.32 -1.19
CA PHE A 112 -21.93 19.70 -1.01
C PHE A 112 -23.10 20.66 -1.11
N SER A 113 -23.21 21.56 -0.13
CA SER A 113 -24.34 22.48 -0.07
C SER A 113 -24.32 23.50 -1.20
N ARG A 114 -23.16 23.72 -1.84
CA ARG A 114 -23.04 24.64 -2.95
C ARG A 114 -22.88 23.92 -4.29
N LEU A 115 -23.30 22.66 -4.36
CA LEU A 115 -23.20 21.87 -5.58
C LEU A 115 -24.46 21.03 -5.74
N ASN A 116 -24.88 20.85 -7.00
CA ASN A 116 -26.09 20.10 -7.34
C ASN A 116 -25.66 18.94 -8.24
N TRP A 117 -25.46 17.77 -7.64
CA TRP A 117 -24.96 16.60 -8.38
C TRP A 117 -26.12 15.98 -9.15
N LEU A 118 -26.03 16.05 -10.48
CA LEU A 118 -27.15 15.74 -11.37
C LEU A 118 -27.02 14.31 -11.89
N THR A 119 -28.14 13.58 -11.85
CA THR A 119 -28.23 12.24 -12.42
C THR A 119 -29.36 12.21 -13.44
N HIS A 120 -29.51 11.07 -14.11
CA HIS A 120 -30.50 10.92 -15.17
C HIS A 120 -31.92 10.99 -14.60
N LEU A 121 -32.90 11.00 -15.50
CA LEU A 121 -34.31 10.99 -15.15
C LEU A 121 -35.06 10.16 -16.17
N ASN A 122 -35.77 9.14 -15.70
CA ASN A 122 -36.53 8.22 -16.57
C ASN A 122 -35.61 7.53 -17.57
N PHE A 123 -34.34 7.32 -17.19
CA PHE A 123 -33.29 6.88 -18.10
C PHE A 123 -33.16 7.80 -19.31
N LYS A 124 -33.52 9.07 -19.15
CA LYS A 124 -33.20 10.13 -20.10
C LYS A 124 -32.09 10.98 -19.53
N TYR A 125 -31.26 11.53 -20.41
CA TYR A 125 -30.39 12.60 -19.94
C TYR A 125 -29.90 13.41 -21.14
N PRO A 126 -30.62 14.46 -21.51
CA PRO A 126 -30.33 15.17 -22.76
C PRO A 126 -29.14 16.12 -22.62
N ALA A 127 -28.69 16.62 -23.77
CA ALA A 127 -27.63 17.61 -23.81
C ALA A 127 -28.12 18.91 -23.16
N LEU A 128 -27.57 19.23 -22.00
CA LEU A 128 -27.99 20.39 -21.24
C LEU A 128 -27.25 21.63 -21.72
N ASN A 129 -28.01 22.62 -22.22
CA ASN A 129 -27.48 23.93 -22.56
C ASN A 129 -28.19 24.96 -21.70
N VAL A 130 -27.51 25.47 -20.68
CA VAL A 130 -28.08 26.41 -19.73
C VAL A 130 -27.37 27.75 -19.87
N THR A 131 -28.14 28.80 -20.06
CA THR A 131 -27.63 30.16 -20.18
C THR A 131 -27.87 30.89 -18.85
N MET A 132 -26.84 31.59 -18.38
CA MET A 132 -27.01 32.34 -17.15
C MET A 132 -26.25 33.66 -17.19
N PRO A 133 -26.96 34.78 -17.30
CA PRO A 133 -26.29 36.07 -17.49
C PRO A 133 -25.77 36.64 -16.17
N ASN A 134 -24.84 37.58 -16.32
CA ASN A 134 -24.28 38.36 -15.21
C ASN A 134 -24.70 39.81 -15.42
N ASN A 135 -25.94 40.12 -15.05
CA ASN A 135 -26.46 41.48 -15.14
C ASN A 135 -26.19 42.30 -13.90
N GLU A 136 -25.08 42.05 -13.22
CA GLU A 136 -24.68 42.79 -12.03
C GLU A 136 -23.56 43.76 -12.38
N GLN A 137 -23.06 44.46 -11.36
CA GLN A 137 -21.90 45.32 -11.51
C GLN A 137 -20.63 44.70 -10.97
N PHE A 138 -20.71 43.55 -10.30
CA PHE A 138 -19.58 42.93 -9.63
C PHE A 138 -19.31 41.56 -10.23
N ASP A 139 -18.08 41.09 -10.05
CA ASP A 139 -17.65 39.85 -10.68
C ASP A 139 -18.25 38.64 -9.97
N LYS A 140 -18.78 37.71 -10.75
CA LYS A 140 -19.36 36.47 -10.22
C LYS A 140 -18.34 35.34 -10.28
N LEU A 141 -18.43 34.43 -9.32
CA LEU A 141 -17.59 33.24 -9.26
C LEU A 141 -18.49 32.01 -9.21
N TYR A 142 -18.38 31.15 -10.22
CA TYR A 142 -19.14 29.92 -10.30
C TYR A 142 -18.21 28.74 -10.05
N ILE A 143 -18.56 27.90 -9.08
CA ILE A 143 -17.79 26.70 -8.74
C ILE A 143 -18.58 25.49 -9.21
N TRP A 144 -18.02 24.76 -10.18
CA TRP A 144 -18.65 23.58 -10.74
C TRP A 144 -17.67 22.42 -10.66
N GLY A 145 -18.16 21.22 -11.04
CA GLY A 145 -17.36 20.03 -10.90
C GLY A 145 -17.65 19.01 -11.98
N VAL A 146 -16.74 18.05 -12.09
CA VAL A 146 -16.85 16.93 -13.03
C VAL A 146 -16.62 15.64 -12.26
N HIS A 147 -17.62 14.78 -12.23
CA HIS A 147 -17.54 13.52 -11.51
C HIS A 147 -16.80 12.47 -12.32
N HIS A 148 -16.08 11.59 -11.61
CA HIS A 148 -15.30 10.52 -12.22
C HIS A 148 -15.79 9.17 -11.71
N PRO A 149 -16.73 8.54 -12.40
CA PRO A 149 -17.19 7.21 -11.98
C PRO A 149 -16.11 6.16 -12.20
N VAL A 150 -16.12 5.15 -11.34
CA VAL A 150 -15.04 4.17 -11.34
C VAL A 150 -15.19 3.18 -12.49
N THR A 151 -16.37 2.57 -12.61
CA THR A 151 -16.68 1.67 -13.71
C THR A 151 -17.79 2.30 -14.54
N ASP A 152 -17.70 2.16 -15.87
CA ASP A 152 -18.79 2.62 -16.71
C ASP A 152 -20.09 1.90 -16.39
N LYS A 153 -20.03 0.81 -15.62
CA LYS A 153 -21.22 0.27 -14.98
C LYS A 153 -21.96 1.35 -14.20
N ASP A 154 -21.21 2.26 -13.58
CA ASP A 154 -21.79 3.40 -12.89
C ASP A 154 -22.03 4.60 -13.82
N GLN A 155 -21.15 4.80 -14.79
CA GLN A 155 -21.38 5.84 -15.80
C GLN A 155 -22.72 5.63 -16.50
N ILE A 156 -23.11 4.38 -16.72
CA ILE A 156 -24.41 4.10 -17.32
C ILE A 156 -25.52 4.25 -16.28
N PHE A 157 -25.30 3.75 -15.07
CA PHE A 157 -26.32 3.83 -14.02
C PHE A 157 -26.57 5.27 -13.59
N LEU A 158 -25.54 6.12 -13.60
CA LEU A 158 -25.71 7.49 -13.12
C LEU A 158 -26.25 8.41 -14.21
N TYR A 159 -25.78 8.26 -15.44
CA TYR A 159 -26.01 9.27 -16.47
C TYR A 159 -26.57 8.73 -17.78
N ALA A 160 -26.61 7.42 -17.99
CA ALA A 160 -27.21 6.81 -19.17
C ALA A 160 -26.54 7.26 -20.47
N GLN A 161 -25.23 7.49 -20.43
CA GLN A 161 -24.42 7.74 -21.61
C GLN A 161 -23.08 7.04 -21.42
N PRO A 162 -22.52 6.46 -22.48
CA PRO A 162 -21.24 5.75 -22.32
C PRO A 162 -20.09 6.65 -21.93
N SER A 163 -20.10 7.91 -22.37
CA SER A 163 -19.07 8.86 -22.03
C SER A 163 -19.67 10.25 -21.99
N GLY A 164 -19.35 11.01 -20.94
CA GLY A 164 -19.80 12.37 -20.81
C GLY A 164 -18.74 13.37 -21.29
N ARG A 165 -19.13 14.64 -21.24
CA ARG A 165 -18.20 15.74 -21.52
C ARG A 165 -18.82 17.02 -20.99
N ILE A 166 -17.97 17.89 -20.45
CA ILE A 166 -18.41 19.14 -19.83
C ILE A 166 -17.74 20.31 -20.53
N THR A 167 -18.54 21.30 -20.93
CA THR A 167 -18.04 22.50 -21.59
C THR A 167 -18.61 23.72 -20.89
N VAL A 168 -17.74 24.58 -20.40
CA VAL A 168 -18.13 25.83 -19.76
C VAL A 168 -17.49 26.98 -20.53
N SER A 169 -18.32 27.81 -21.15
CA SER A 169 -17.86 28.88 -22.01
C SER A 169 -18.37 30.22 -21.51
N THR A 170 -17.57 31.26 -21.76
CA THR A 170 -17.97 32.63 -21.48
C THR A 170 -17.65 33.47 -22.72
N LYS A 171 -17.51 34.78 -22.54
CA LYS A 171 -17.05 35.61 -23.65
C LYS A 171 -15.55 35.51 -23.82
N ARG A 172 -14.80 35.51 -22.71
CA ARG A 172 -13.35 35.38 -22.78
C ARG A 172 -12.89 33.94 -22.68
N SER A 173 -13.50 33.15 -21.81
CA SER A 173 -12.99 31.84 -21.44
C SER A 173 -13.83 30.71 -22.04
N GLN A 174 -13.17 29.57 -22.23
CA GLN A 174 -13.82 28.32 -22.57
C GLN A 174 -13.12 27.19 -21.83
N GLN A 175 -13.92 26.25 -21.31
CA GLN A 175 -13.42 25.18 -20.46
C GLN A 175 -14.00 23.86 -20.95
N ALA A 176 -13.12 22.91 -21.26
CA ALA A 176 -13.54 21.60 -21.76
C ALA A 176 -12.92 20.52 -20.87
N VAL A 177 -13.76 19.67 -20.29
CA VAL A 177 -13.32 18.61 -19.40
C VAL A 177 -14.05 17.33 -19.78
N ILE A 178 -13.30 16.25 -19.91
CA ILE A 178 -13.84 14.91 -20.16
C ILE A 178 -13.64 14.07 -18.90
N PRO A 179 -14.67 13.38 -18.42
CA PRO A 179 -14.49 12.56 -17.23
C PRO A 179 -13.64 11.33 -17.51
N ASN A 180 -12.96 10.86 -16.46
CA ASN A 180 -12.05 9.73 -16.55
C ASN A 180 -12.64 8.56 -15.79
N ILE A 181 -13.07 7.52 -16.52
CA ILE A 181 -13.52 6.30 -15.88
C ILE A 181 -12.32 5.57 -15.30
N GLY A 182 -12.41 5.21 -14.01
CA GLY A 182 -11.33 4.53 -13.37
C GLY A 182 -11.52 4.28 -11.89
N PHE A 183 -11.34 3.03 -11.47
CA PHE A 183 -11.35 2.69 -10.05
C PHE A 183 -10.05 3.15 -9.40
N ARG A 184 -10.17 3.67 -8.18
CA ARG A 184 -9.08 4.44 -7.56
C ARG A 184 -9.00 4.08 -6.08
N PRO A 185 -7.93 4.47 -5.37
CA PRO A 185 -7.84 4.11 -3.95
C PRO A 185 -9.00 4.68 -3.15
N ARG A 186 -9.61 3.84 -2.32
CA ARG A 186 -10.83 4.18 -1.60
C ARG A 186 -10.53 5.20 -0.52
N ILE A 187 -11.06 6.41 -0.67
CA ILE A 187 -11.07 7.42 0.39
C ILE A 187 -12.45 7.42 1.01
N ARG A 188 -12.53 7.05 2.29
CA ARG A 188 -13.80 6.89 2.99
C ARG A 188 -14.69 5.89 2.27
N ASN A 189 -14.08 4.79 1.82
CA ASN A 189 -14.76 3.71 1.09
C ASN A 189 -15.40 4.23 -0.20
N ILE A 190 -14.69 5.09 -0.91
CA ILE A 190 -15.14 5.55 -2.22
C ILE A 190 -13.98 5.58 -3.21
N PRO A 191 -14.04 4.80 -4.29
CA PRO A 191 -12.98 4.88 -5.31
C PRO A 191 -13.22 5.97 -6.35
N SER A 192 -14.36 6.64 -6.34
CA SER A 192 -14.67 7.65 -7.33
C SER A 192 -14.30 9.04 -6.83
N ARG A 193 -14.16 9.98 -7.77
CA ARG A 193 -13.71 11.33 -7.45
C ARG A 193 -14.54 12.34 -8.23
N ILE A 194 -14.33 13.62 -7.91
CA ILE A 194 -14.98 14.73 -8.61
C ILE A 194 -13.95 15.84 -8.82
N SER A 195 -13.78 16.27 -10.08
CA SER A 195 -12.83 17.33 -10.43
C SER A 195 -13.54 18.68 -10.35
N ILE A 196 -13.02 19.56 -9.49
CA ILE A 196 -13.60 20.88 -9.26
C ILE A 196 -12.82 21.91 -10.07
N TYR A 197 -13.53 22.68 -10.88
CA TYR A 197 -12.99 23.81 -11.62
C TYR A 197 -13.75 25.08 -11.24
N TRP A 198 -13.32 26.21 -11.80
CA TRP A 198 -13.98 27.47 -11.53
C TRP A 198 -14.05 28.29 -12.81
N THR A 199 -15.04 29.18 -12.86
CA THR A 199 -15.24 30.06 -14.01
C THR A 199 -15.71 31.42 -13.51
N ILE A 200 -15.03 32.48 -13.95
CA ILE A 200 -15.39 33.85 -13.60
C ILE A 200 -16.14 34.45 -14.79
N VAL A 201 -17.23 35.15 -14.50
CA VAL A 201 -17.93 35.95 -15.49
C VAL A 201 -17.95 37.40 -15.02
N LYS A 202 -17.75 38.32 -15.95
CA LYS A 202 -17.68 39.74 -15.68
C LYS A 202 -19.03 40.39 -15.92
N PRO A 203 -19.25 41.60 -15.41
CA PRO A 203 -20.51 42.31 -15.69
C PRO A 203 -20.76 42.43 -17.19
N GLY A 204 -21.92 41.94 -17.62
CA GLY A 204 -22.25 41.90 -19.02
C GLY A 204 -21.93 40.60 -19.73
N ASP A 205 -21.23 39.68 -19.07
CA ASP A 205 -20.85 38.41 -19.64
C ASP A 205 -21.89 37.34 -19.27
N ILE A 206 -21.85 36.23 -20.01
CA ILE A 206 -22.82 35.15 -19.87
C ILE A 206 -22.08 33.85 -19.60
N LEU A 207 -22.57 33.08 -18.63
CA LEU A 207 -22.05 31.74 -18.36
C LEU A 207 -22.77 30.73 -19.25
N LEU A 208 -22.00 29.93 -19.98
CA LEU A 208 -22.54 28.95 -20.91
C LEU A 208 -22.11 27.55 -20.48
N ILE A 209 -23.09 26.65 -20.38
CA ILE A 209 -22.86 25.26 -20.02
C ILE A 209 -23.33 24.41 -21.19
N ASN A 210 -22.40 23.86 -21.96
CA ASN A 210 -22.69 23.15 -23.19
C ASN A 210 -22.29 21.69 -23.02
N SER A 211 -23.09 20.94 -22.27
CA SER A 211 -22.62 19.65 -21.80
C SER A 211 -23.78 18.69 -21.52
N THR A 212 -23.55 17.42 -21.83
CA THR A 212 -24.23 16.35 -21.10
C THR A 212 -23.72 16.35 -19.66
N GLY A 213 -24.27 15.47 -18.84
CA GLY A 213 -24.00 15.67 -17.44
C GLY A 213 -23.33 14.57 -16.64
N ASN A 214 -22.03 14.37 -16.86
CA ASN A 214 -21.20 13.86 -15.78
C ASN A 214 -20.72 15.03 -14.92
N LEU A 215 -21.68 15.92 -14.63
CA LEU A 215 -21.42 17.28 -14.19
C LEU A 215 -21.87 17.47 -12.75
N ILE A 216 -21.09 18.24 -12.00
CA ILE A 216 -21.49 18.69 -10.68
C ILE A 216 -21.92 20.14 -10.78
N ALA A 217 -23.21 20.37 -11.05
CA ALA A 217 -23.67 21.70 -11.37
C ALA A 217 -23.61 22.62 -10.16
N PRO A 218 -23.30 23.89 -10.36
CA PRO A 218 -23.35 24.85 -9.25
C PRO A 218 -24.79 25.25 -8.93
N ARG A 219 -24.96 25.77 -7.72
CA ARG A 219 -26.25 26.26 -7.25
C ARG A 219 -26.35 27.77 -7.28
N GLY A 220 -25.30 28.46 -7.73
CA GLY A 220 -25.31 29.91 -7.73
C GLY A 220 -23.90 30.44 -7.96
N TYR A 221 -23.65 31.62 -7.41
CA TYR A 221 -22.37 32.29 -7.61
C TYR A 221 -21.90 32.90 -6.30
N PHE A 222 -20.58 33.05 -6.17
CA PHE A 222 -19.96 33.75 -5.07
C PHE A 222 -19.59 35.16 -5.51
N LYS A 223 -19.76 36.12 -4.60
CA LYS A 223 -19.35 37.49 -4.89
C LYS A 223 -17.83 37.61 -4.80
N ILE A 224 -17.25 38.36 -5.74
CA ILE A 224 -15.81 38.53 -5.83
C ILE A 224 -15.49 39.97 -5.44
N ARG A 225 -14.78 40.14 -4.32
CA ARG A 225 -14.28 41.43 -3.89
C ARG A 225 -12.77 41.50 -4.10
N SER A 226 -12.25 42.72 -4.13
CA SER A 226 -10.82 42.97 -4.26
C SER A 226 -10.36 43.74 -3.01
N GLY A 227 -9.54 43.09 -2.19
CA GLY A 227 -9.07 43.72 -0.97
C GLY A 227 -7.79 43.07 -0.50
N LYS A 228 -7.31 43.55 0.65
CA LYS A 228 -6.08 43.07 1.26
C LYS A 228 -6.26 41.76 2.02
N SER A 229 -7.36 41.05 1.81
CA SER A 229 -7.58 39.78 2.50
C SER A 229 -6.57 38.73 2.01
N SER A 230 -6.27 37.77 2.88
CA SER A 230 -5.28 36.75 2.58
C SER A 230 -5.55 35.53 3.45
N ILE A 231 -4.67 34.53 3.32
CA ILE A 231 -4.78 33.27 4.04
C ILE A 231 -3.42 32.91 4.61
N MET A 232 -3.43 32.21 5.74
CA MET A 232 -2.20 31.80 6.41
C MET A 232 -2.42 30.45 7.08
N ARG A 233 -1.41 29.60 7.04
CA ARG A 233 -1.42 28.31 7.72
C ARG A 233 -0.71 28.46 9.05
N SER A 234 -1.44 28.28 10.15
CA SER A 234 -0.88 28.44 11.47
C SER A 234 -1.65 27.57 12.46
N ASP A 235 -0.97 27.19 13.54
CA ASP A 235 -1.59 26.42 14.62
C ASP A 235 -1.59 27.17 15.93
N ALA A 236 -1.32 28.48 15.92
CA ALA A 236 -1.31 29.27 17.13
C ALA A 236 -2.74 29.67 17.50
N PRO A 237 -3.06 29.71 18.80
CA PRO A 237 -4.41 30.07 19.23
C PRO A 237 -4.74 31.52 18.90
N ILE A 238 -6.02 31.84 19.05
CA ILE A 238 -6.54 33.19 18.81
C ILE A 238 -6.84 33.82 20.16
N GLY A 239 -6.28 35.01 20.40
CA GLY A 239 -6.45 35.70 21.65
C GLY A 239 -7.10 37.06 21.47
N LYS A 240 -7.48 37.66 22.60
CA LYS A 240 -8.10 38.99 22.62
C LYS A 240 -6.99 40.01 22.84
N CYS A 241 -6.44 40.52 21.74
CA CYS A 241 -5.36 41.49 21.79
C CYS A 241 -5.34 42.26 20.48
N LYS A 242 -4.44 43.25 20.39
CA LYS A 242 -4.34 44.13 19.24
C LYS A 242 -2.90 44.13 18.74
N SER A 243 -2.72 43.83 17.45
CA SER A 243 -1.40 43.81 16.85
C SER A 243 -1.53 43.94 15.34
N GLU A 244 -0.76 44.85 14.76
CA GLU A 244 -0.75 45.08 13.31
C GLU A 244 0.29 44.21 12.60
N CYS A 245 0.57 43.02 13.13
CA CYS A 245 1.49 42.10 12.48
C CYS A 245 1.17 40.69 12.95
N ILE A 246 1.03 39.77 12.00
CA ILE A 246 0.63 38.39 12.29
C ILE A 246 1.57 37.44 11.57
N THR A 247 2.15 36.51 12.32
CA THR A 247 2.98 35.44 11.81
C THR A 247 2.39 34.10 12.21
N PRO A 248 2.69 33.02 11.50
CA PRO A 248 2.21 31.70 11.91
C PRO A 248 2.68 31.28 13.29
N ASN A 249 3.64 31.97 13.88
CA ASN A 249 4.07 31.72 15.24
C ASN A 249 3.36 32.60 16.26
N GLY A 250 2.50 33.50 15.82
CA GLY A 250 1.81 34.42 16.69
C GLY A 250 2.03 35.86 16.28
N SER A 251 1.33 36.75 16.99
CA SER A 251 1.45 38.18 16.73
C SER A 251 2.73 38.72 17.35
N ILE A 252 3.36 39.66 16.64
CA ILE A 252 4.61 40.26 17.10
C ILE A 252 4.51 41.78 17.00
N PRO A 253 5.26 42.53 17.79
CA PRO A 253 5.25 43.99 17.65
C PRO A 253 6.12 44.44 16.49
N ASN A 254 5.65 45.47 15.78
CA ASN A 254 6.37 46.04 14.65
C ASN A 254 7.28 47.19 15.06
N ASP A 255 7.86 47.14 16.26
CA ASP A 255 8.77 48.20 16.69
C ASP A 255 10.11 48.09 15.98
N LYS A 256 10.68 46.89 15.97
CA LYS A 256 11.96 46.69 15.31
C LYS A 256 11.81 46.87 13.80
N PRO A 257 12.87 47.33 13.12
CA PRO A 257 12.82 47.40 11.65
C PRO A 257 12.97 46.05 10.98
N PHE A 258 13.36 45.00 11.72
CA PHE A 258 13.61 43.69 11.16
C PHE A 258 12.96 42.63 12.05
N GLN A 259 13.10 41.37 11.62
CA GLN A 259 12.48 40.25 12.31
C GLN A 259 13.05 38.96 11.76
N ASN A 260 13.09 37.93 12.62
CA ASN A 260 13.44 36.59 12.18
C ASN A 260 12.40 35.57 12.65
N VAL A 261 11.20 36.02 12.99
CA VAL A 261 10.15 35.12 13.46
C VAL A 261 9.73 34.18 12.35
N ASN A 262 9.22 34.73 11.25
CA ASN A 262 8.81 33.92 10.11
C ASN A 262 8.69 34.82 8.89
N ARG A 263 9.02 34.25 7.73
CA ARG A 263 8.89 34.99 6.47
C ARG A 263 7.44 35.31 6.17
N ILE A 264 6.53 34.37 6.43
CA ILE A 264 5.11 34.57 6.18
C ILE A 264 4.58 35.60 7.15
N THR A 265 4.16 36.75 6.63
CA THR A 265 3.66 37.85 7.44
C THR A 265 2.37 38.40 6.84
N TYR A 266 1.67 39.21 7.63
CA TYR A 266 0.44 39.85 7.19
C TYR A 266 0.32 41.20 7.86
N GLY A 267 0.02 42.23 7.09
CA GLY A 267 -0.09 43.58 7.62
C GLY A 267 1.22 44.33 7.54
N ALA A 268 1.26 45.43 8.29
CA ALA A 268 2.45 46.28 8.36
C ALA A 268 3.44 45.61 9.30
N CYS A 269 4.36 44.82 8.72
CA CYS A 269 5.33 44.05 9.48
C CYS A 269 6.75 44.46 9.11
N PRO A 270 7.71 44.25 10.02
CA PRO A 270 9.12 44.47 9.67
C PRO A 270 9.58 43.46 8.61
N ARG A 271 10.72 43.76 8.02
CA ARG A 271 11.29 42.86 7.02
C ARG A 271 12.02 41.70 7.69
N TYR A 272 12.09 40.58 6.97
CA TYR A 272 12.68 39.36 7.51
C TYR A 272 14.20 39.35 7.29
N VAL A 273 14.92 38.89 8.32
CA VAL A 273 16.36 38.72 8.24
C VAL A 273 16.68 37.24 8.27
N LYS A 274 17.81 36.88 7.66
CA LYS A 274 18.19 35.48 7.57
C LYS A 274 18.84 34.96 8.85
N GLN A 275 19.47 35.85 9.62
CA GLN A 275 20.17 35.45 10.84
C GLN A 275 19.96 36.49 11.92
N SER A 276 19.87 36.03 13.17
CA SER A 276 19.75 36.89 14.35
C SER A 276 18.60 37.88 14.22
N ASP B 1 16.38 13.02 -1.60
CA ASP B 1 16.81 12.70 -0.24
C ASP B 1 15.63 12.78 0.72
N ILE B 2 15.10 11.63 1.11
CA ILE B 2 14.09 11.51 2.14
C ILE B 2 14.45 10.32 3.02
N ARG B 3 14.34 10.49 4.33
CA ARG B 3 14.66 9.45 5.29
C ARG B 3 13.38 8.86 5.87
N VAL B 4 13.40 7.56 6.14
CA VAL B 4 12.27 6.85 6.72
C VAL B 4 12.77 5.94 7.83
N THR B 5 12.04 5.92 8.95
CA THR B 5 12.38 5.10 10.10
C THR B 5 11.14 4.42 10.61
N GLN B 6 11.18 3.09 10.73
CA GLN B 6 10.05 2.29 11.16
C GLN B 6 10.42 1.55 12.43
N SER B 7 9.59 1.69 13.46
CA SER B 7 9.89 1.13 14.77
C SER B 7 8.66 0.41 15.33
N PRO B 8 8.85 -0.72 16.02
CA PRO B 8 10.17 -1.36 16.18
C PRO B 8 10.48 -2.29 15.02
N SER B 9 11.65 -2.94 15.06
CA SER B 9 11.98 -3.91 14.02
C SER B 9 11.11 -5.15 14.12
N SER B 10 10.73 -5.54 15.33
CA SER B 10 9.87 -6.70 15.56
C SER B 10 9.36 -6.63 16.99
N LEU B 11 8.23 -7.29 17.23
CA LEU B 11 7.63 -7.31 18.55
C LEU B 11 6.79 -8.58 18.68
N SER B 12 6.04 -8.67 19.79
CA SER B 12 5.18 -9.82 20.03
C SER B 12 3.98 -9.37 20.86
N ALA B 13 2.80 -9.88 20.51
CA ALA B 13 1.58 -9.51 21.22
C ALA B 13 0.58 -10.67 21.12
N SER B 14 -0.34 -10.71 22.06
CA SER B 14 -1.31 -11.81 22.14
C SER B 14 -2.47 -11.59 21.17
N VAL B 15 -3.28 -12.63 21.02
CA VAL B 15 -4.54 -12.49 20.30
C VAL B 15 -5.44 -11.52 21.05
N GLY B 16 -5.93 -10.51 20.33
CA GLY B 16 -6.79 -9.51 20.91
C GLY B 16 -6.09 -8.30 21.47
N ASP B 17 -4.75 -8.28 21.50
CA ASP B 17 -4.04 -7.10 21.97
C ASP B 17 -4.12 -5.98 20.94
N ARG B 18 -3.81 -4.77 21.41
CA ARG B 18 -3.80 -3.57 20.60
C ARG B 18 -2.35 -3.16 20.38
N VAL B 19 -1.87 -3.33 19.16
CA VAL B 19 -0.47 -3.10 18.81
C VAL B 19 -0.39 -1.90 17.86
N THR B 20 0.67 -1.10 18.00
CA THR B 20 0.88 0.09 17.19
C THR B 20 2.27 0.07 16.59
N ILE B 21 2.36 0.34 15.29
CA ILE B 21 3.62 0.45 14.58
C ILE B 21 3.81 1.91 14.19
N THR B 22 5.02 2.43 14.36
CA THR B 22 5.34 3.83 14.13
C THR B 22 6.28 3.97 12.93
N CYS B 23 5.96 4.89 12.03
CA CYS B 23 6.80 5.22 10.88
C CYS B 23 7.11 6.70 10.94
N ARG B 24 8.38 7.03 11.21
CA ARG B 24 8.83 8.41 11.37
C ARG B 24 9.64 8.84 10.15
N ALA B 25 9.48 10.10 9.77
CA ALA B 25 10.20 10.68 8.65
C ALA B 25 11.05 11.85 9.12
N SER B 26 12.10 12.14 8.36
CA SER B 26 12.98 13.26 8.68
C SER B 26 12.33 14.60 8.30
N GLN B 27 11.74 14.67 7.12
CA GLN B 27 11.10 15.88 6.62
C GLN B 27 9.58 15.71 6.65
N SER B 28 8.88 16.84 6.81
CA SER B 28 7.43 16.82 6.82
C SER B 28 6.90 16.33 5.48
N ILE B 29 5.99 15.36 5.53
CA ILE B 29 5.35 14.82 4.34
C ILE B 29 3.84 15.04 4.38
N SER B 30 3.37 15.93 5.24
CA SER B 30 1.95 16.28 5.35
C SER B 30 1.16 15.03 5.76
N ARG B 31 -0.09 14.91 5.32
CA ARG B 31 -0.96 13.79 5.67
C ARG B 31 -0.84 12.69 4.61
N SER B 32 0.38 12.18 4.44
CA SER B 32 0.74 11.55 3.18
C SER B 32 1.69 10.36 3.40
N LEU B 33 1.13 9.16 3.37
CA LEU B 33 1.85 7.90 3.50
C LEU B 33 0.83 6.78 3.41
N ASN B 34 1.33 5.55 3.28
CA ASN B 34 0.48 4.37 3.15
C ASN B 34 1.12 3.18 3.82
N TRP B 35 0.27 2.24 4.26
CA TRP B 35 0.68 1.08 5.03
C TRP B 35 0.28 -0.19 4.29
N TYR B 36 1.17 -1.19 4.27
CA TYR B 36 0.91 -2.43 3.55
C TYR B 36 1.24 -3.65 4.41
N GLN B 37 0.79 -4.80 3.92
CA GLN B 37 0.91 -6.09 4.59
C GLN B 37 1.32 -7.14 3.58
N GLN B 38 2.45 -7.81 3.82
CA GLN B 38 2.81 -8.99 3.05
C GLN B 38 2.86 -10.19 3.99
N ARG B 39 2.02 -11.18 3.72
CA ARG B 39 2.05 -12.43 4.43
C ARG B 39 3.16 -13.31 3.86
N PRO B 40 3.65 -14.29 4.63
CA PRO B 40 4.76 -15.10 4.13
C PRO B 40 4.39 -15.84 2.85
N GLY B 41 5.27 -15.74 1.85
CA GLY B 41 5.03 -16.36 0.56
C GLY B 41 4.08 -15.61 -0.34
N LYS B 42 3.62 -14.43 0.05
CA LYS B 42 2.67 -13.65 -0.73
C LYS B 42 3.28 -12.29 -1.08
N ALA B 43 2.61 -11.61 -2.00
CA ALA B 43 2.94 -10.23 -2.33
C ALA B 43 2.28 -9.29 -1.32
N PRO B 44 2.82 -8.09 -1.15
CA PRO B 44 2.20 -7.13 -0.22
C PRO B 44 0.77 -6.80 -0.60
N LYS B 45 0.04 -6.27 0.38
CA LYS B 45 -1.38 -5.95 0.22
C LYS B 45 -1.62 -4.49 0.56
N PHE B 46 -2.48 -3.84 -0.23
CA PHE B 46 -2.74 -2.41 -0.11
C PHE B 46 -3.77 -2.19 0.99
N LEU B 47 -3.29 -1.80 2.18
CA LEU B 47 -4.15 -1.69 3.36
C LEU B 47 -4.72 -0.29 3.55
N ILE B 48 -3.86 0.70 3.74
CA ILE B 48 -4.28 2.06 4.05
C ILE B 48 -3.65 3.02 3.04
N TYR B 49 -4.39 4.06 2.71
CA TYR B 49 -3.98 5.07 1.75
C TYR B 49 -4.15 6.44 2.38
N ALA B 50 -3.18 7.32 2.17
CA ALA B 50 -3.20 8.67 2.73
C ALA B 50 -3.34 8.65 4.25
N ALA B 51 -2.53 7.79 4.88
CA ALA B 51 -2.34 7.74 6.33
C ALA B 51 -3.54 7.23 7.11
N SER B 52 -4.75 7.30 6.55
CA SER B 52 -5.91 6.93 7.34
C SER B 52 -7.09 6.39 6.54
N ASN B 53 -6.97 6.12 5.24
CA ASN B 53 -8.08 5.65 4.44
C ASN B 53 -7.93 4.15 4.20
N LEU B 54 -8.81 3.37 4.81
CA LEU B 54 -8.78 1.91 4.71
C LEU B 54 -9.23 1.47 3.32
N GLN B 55 -8.74 0.31 2.88
CA GLN B 55 -8.95 -0.10 1.50
C GLN B 55 -9.80 -1.35 1.36
N SER B 56 -9.67 -2.04 0.21
CA SER B 56 -10.65 -3.05 -0.17
C SER B 56 -10.66 -4.23 0.78
N GLY B 57 -9.49 -4.73 1.17
CA GLY B 57 -9.44 -5.94 1.97
C GLY B 57 -9.33 -5.72 3.46
N VAL B 58 -9.79 -4.58 3.95
CA VAL B 58 -9.65 -4.26 5.37
C VAL B 58 -10.71 -5.01 6.18
N PRO B 59 -10.34 -5.57 7.34
CA PRO B 59 -11.34 -6.14 8.25
C PRO B 59 -11.87 -5.18 9.31
N SER B 60 -11.61 -3.87 9.15
CA SER B 60 -12.11 -2.80 10.01
C SER B 60 -11.36 -2.71 11.35
N ARG B 61 -10.61 -3.75 11.73
CA ARG B 61 -9.79 -3.64 12.93
C ARG B 61 -8.50 -2.88 12.69
N PHE B 62 -8.09 -2.74 11.44
CA PHE B 62 -6.92 -1.93 11.10
C PHE B 62 -7.27 -0.45 11.08
N SER B 63 -6.30 0.37 11.44
CA SER B 63 -6.51 1.82 11.46
C SER B 63 -5.16 2.51 11.44
N GLY B 64 -5.16 3.73 10.88
CA GLY B 64 -3.96 4.53 10.83
C GLY B 64 -4.26 5.99 11.09
N GLY B 65 -3.23 6.72 11.48
CA GLY B 65 -3.38 8.13 11.77
C GLY B 65 -2.03 8.81 11.87
N GLY B 66 -2.08 10.14 11.94
CA GLY B 66 -0.88 10.94 12.06
C GLY B 66 -0.77 12.02 11.00
N SER B 67 0.02 13.05 11.28
CA SER B 67 0.24 14.14 10.34
C SER B 67 1.65 14.66 10.51
N GLY B 68 2.27 15.05 9.40
CA GLY B 68 3.60 15.63 9.46
C GLY B 68 4.73 14.63 9.33
N THR B 69 5.20 14.11 10.46
CA THR B 69 6.37 13.24 10.47
C THR B 69 6.11 11.91 11.17
N ASP B 70 5.22 11.92 12.16
CA ASP B 70 4.98 10.76 13.01
C ASP B 70 3.63 10.15 12.66
N PHE B 71 3.66 8.98 12.01
CA PHE B 71 2.45 8.25 11.65
C PHE B 71 2.39 6.93 12.41
N THR B 72 1.19 6.43 12.61
CA THR B 72 0.97 5.23 13.41
C THR B 72 0.01 4.29 12.70
N LEU B 73 0.33 3.00 12.73
CA LEU B 73 -0.55 1.93 12.28
C LEU B 73 -0.99 1.13 13.50
N THR B 74 -2.30 1.01 13.70
CA THR B 74 -2.86 0.41 14.90
C THR B 74 -3.77 -0.74 14.53
N ILE B 75 -3.59 -1.87 15.22
CA ILE B 75 -4.51 -3.01 15.14
C ILE B 75 -5.24 -3.08 16.47
N SER B 76 -6.55 -2.85 16.44
CA SER B 76 -7.32 -2.76 17.68
C SER B 76 -7.31 -4.10 18.43
N SER B 77 -7.76 -5.16 17.78
CA SER B 77 -7.78 -6.50 18.36
C SER B 77 -6.95 -7.39 17.44
N LEU B 78 -5.71 -7.68 17.85
CA LEU B 78 -4.82 -8.46 17.00
C LEU B 78 -5.34 -9.88 16.83
N GLN B 79 -5.44 -10.32 15.58
CA GLN B 79 -5.90 -11.63 15.21
C GLN B 79 -4.74 -12.50 14.75
N PRO B 80 -4.90 -13.83 14.76
CA PRO B 80 -3.80 -14.69 14.32
C PRO B 80 -3.42 -14.47 12.86
N GLU B 81 -4.41 -14.33 11.97
CA GLU B 81 -4.14 -14.17 10.54
C GLU B 81 -3.47 -12.86 10.20
N ASP B 82 -3.24 -11.97 11.17
CA ASP B 82 -2.54 -10.72 10.92
C ASP B 82 -1.02 -10.89 10.89
N PHE B 83 -0.52 -12.10 11.18
CA PHE B 83 0.90 -12.39 11.14
C PHE B 83 1.49 -12.12 9.76
N ALA B 84 2.34 -11.10 9.66
CA ALA B 84 2.90 -10.69 8.38
C ALA B 84 4.01 -9.67 8.66
N THR B 85 4.55 -9.10 7.59
CA THR B 85 5.55 -8.04 7.67
C THR B 85 4.94 -6.75 7.12
N TYR B 86 4.97 -5.70 7.92
CA TYR B 86 4.31 -4.43 7.58
C TYR B 86 5.34 -3.39 7.17
N TYR B 87 5.00 -2.61 6.14
CA TYR B 87 5.89 -1.61 5.60
C TYR B 87 5.15 -0.27 5.48
N CYS B 88 5.92 0.80 5.51
CA CYS B 88 5.42 2.16 5.27
C CYS B 88 6.22 2.76 4.12
N GLN B 89 5.51 3.23 3.09
CA GLN B 89 6.16 3.84 1.94
C GLN B 89 5.84 5.34 1.91
N GLU B 90 6.87 6.12 1.65
CA GLU B 90 6.74 7.57 1.47
C GLU B 90 6.84 7.86 -0.02
N THR B 91 5.93 8.69 -0.53
CA THR B 91 5.65 8.70 -1.96
C THR B 91 6.69 9.46 -2.77
N TYR B 92 6.85 10.76 -2.54
CA TYR B 92 7.83 11.52 -3.30
C TYR B 92 9.22 10.91 -3.19
N SER B 93 9.50 10.25 -2.07
CA SER B 93 10.74 9.49 -1.95
C SER B 93 10.67 8.18 -2.72
N ARG B 94 9.48 7.56 -2.76
CA ARG B 94 9.32 6.20 -3.28
C ARG B 94 10.22 5.23 -2.53
N THR B 95 10.33 5.42 -1.21
CA THR B 95 11.18 4.61 -0.36
C THR B 95 10.32 3.75 0.56
N PHE B 96 10.67 2.46 0.64
CA PHE B 96 10.02 1.56 1.59
C PHE B 96 10.68 1.68 2.95
N GLY B 97 9.88 1.48 4.00
CA GLY B 97 10.42 1.42 5.34
C GLY B 97 11.27 0.19 5.55
N GLN B 98 11.89 0.12 6.73
CA GLN B 98 12.71 -1.04 7.06
C GLN B 98 11.87 -2.29 7.23
N GLY B 99 10.61 -2.14 7.64
CA GLY B 99 9.74 -3.28 7.81
C GLY B 99 9.60 -3.69 9.27
N THR B 100 8.38 -4.05 9.66
CA THR B 100 8.10 -4.53 11.01
C THR B 100 7.27 -5.80 10.89
N LYS B 101 7.88 -6.94 11.22
CA LYS B 101 7.16 -8.21 11.28
C LYS B 101 7.10 -8.68 12.72
N ALA B 102 5.89 -8.83 13.23
CA ALA B 102 5.64 -9.34 14.57
C ALA B 102 4.82 -10.63 14.48
N ASP B 103 4.80 -11.37 15.58
CA ASP B 103 4.07 -12.62 15.64
C ASP B 103 3.22 -12.67 16.90
N ILE B 104 2.24 -13.57 16.88
CA ILE B 104 1.32 -13.72 18.00
C ILE B 104 2.08 -14.22 19.23
N LYS B 105 1.72 -13.68 20.40
CA LYS B 105 2.18 -14.30 21.64
C LYS B 105 1.64 -15.71 21.72
N ARG B 106 2.54 -16.68 21.83
CA ARG B 106 2.21 -18.08 21.64
C ARG B 106 1.71 -18.71 22.93
N THR B 107 0.82 -19.71 22.77
CA THR B 107 0.29 -20.47 23.88
C THR B 107 1.41 -21.41 24.33
N VAL B 108 1.12 -22.40 25.15
CA VAL B 108 2.16 -23.32 25.58
C VAL B 108 2.25 -24.49 24.61
N ALA B 109 3.47 -24.97 24.39
CA ALA B 109 3.81 -25.83 23.26
C ALA B 109 3.07 -27.16 23.28
N ALA B 110 3.14 -27.83 22.14
CA ALA B 110 2.66 -29.19 21.93
C ALA B 110 3.35 -29.79 20.72
N PRO B 111 4.66 -30.09 20.80
CA PRO B 111 5.37 -30.62 19.63
C PRO B 111 4.97 -32.06 19.35
N SER B 112 4.64 -32.33 18.09
CA SER B 112 4.39 -33.69 17.59
C SER B 112 5.46 -34.02 16.57
N VAL B 113 6.09 -35.18 16.73
CA VAL B 113 7.32 -35.48 16.00
C VAL B 113 7.17 -36.76 15.19
N PHE B 114 7.92 -36.82 14.09
CA PHE B 114 7.99 -37.98 13.22
C PHE B 114 9.41 -38.08 12.68
N ILE B 115 9.76 -39.27 12.15
CA ILE B 115 11.04 -39.50 11.50
C ILE B 115 10.81 -40.31 10.23
N PHE B 116 11.79 -40.25 9.33
CA PHE B 116 11.64 -40.88 8.02
C PHE B 116 12.97 -41.44 7.52
N PRO B 117 13.04 -42.74 7.27
CA PRO B 117 14.24 -43.33 6.68
C PRO B 117 14.41 -42.90 5.24
N PRO B 118 15.59 -43.06 4.67
CA PRO B 118 15.76 -42.75 3.24
C PRO B 118 14.97 -43.69 2.36
N SER B 119 14.55 -43.18 1.21
CA SER B 119 13.78 -43.98 0.27
C SER B 119 14.67 -45.04 -0.38
N ASP B 120 14.02 -46.07 -0.92
CA ASP B 120 14.76 -47.14 -1.57
C ASP B 120 15.41 -46.66 -2.87
N GLU B 121 14.81 -45.68 -3.54
CA GLU B 121 15.38 -45.17 -4.78
C GLU B 121 16.56 -44.24 -4.52
N GLN B 122 16.57 -43.56 -3.37
CA GLN B 122 17.70 -42.68 -3.05
C GLN B 122 18.93 -43.48 -2.61
N LEU B 123 18.72 -44.57 -1.88
CA LEU B 123 19.84 -45.38 -1.41
C LEU B 123 20.61 -46.02 -2.56
N LYS B 124 19.98 -46.22 -3.72
CA LYS B 124 20.70 -46.76 -4.86
C LYS B 124 21.67 -45.74 -5.44
N SER B 125 21.39 -44.45 -5.27
CA SER B 125 22.25 -43.39 -5.77
C SER B 125 23.47 -43.13 -4.89
N GLY B 126 23.65 -43.90 -3.82
CA GLY B 126 24.81 -43.72 -2.97
C GLY B 126 24.71 -42.60 -1.97
N THR B 127 23.50 -42.12 -1.68
CA THR B 127 23.29 -41.04 -0.72
C THR B 127 22.08 -41.37 0.13
N ALA B 128 22.23 -41.18 1.45
CA ALA B 128 21.17 -41.44 2.41
C ALA B 128 20.79 -40.14 3.10
N SER B 129 19.49 -39.85 3.13
CA SER B 129 18.97 -38.65 3.79
C SER B 129 17.85 -39.06 4.74
N VAL B 130 18.08 -38.90 6.03
CA VAL B 130 17.11 -39.26 7.06
C VAL B 130 16.46 -37.97 7.55
N VAL B 131 15.14 -37.89 7.45
CA VAL B 131 14.38 -36.69 7.75
C VAL B 131 13.61 -36.90 9.05
N CYS B 132 13.73 -35.94 9.96
CA CYS B 132 12.95 -35.89 11.19
C CYS B 132 12.00 -34.71 11.12
N LEU B 133 10.83 -34.85 11.74
CA LEU B 133 9.79 -33.84 11.66
C LEU B 133 9.39 -33.36 13.06
N LEU B 134 9.17 -32.05 13.18
CA LEU B 134 8.58 -31.44 14.37
C LEU B 134 7.42 -30.60 13.89
N ASN B 135 6.20 -31.00 14.25
CA ASN B 135 5.00 -30.39 13.69
C ASN B 135 4.24 -29.62 14.76
N ASN B 136 3.93 -28.35 14.46
CA ASN B 136 3.03 -27.53 15.25
C ASN B 136 3.52 -27.37 16.70
N PHE B 137 4.78 -26.96 16.82
CA PHE B 137 5.34 -26.57 18.10
C PHE B 137 5.53 -25.07 18.12
N TYR B 138 5.72 -24.53 19.32
CA TYR B 138 5.42 -23.13 19.62
C TYR B 138 5.64 -22.88 21.11
N PRO B 139 6.69 -22.13 21.50
CA PRO B 139 7.64 -21.27 20.80
C PRO B 139 8.62 -21.90 19.79
N ARG B 140 9.40 -21.00 19.18
CA ARG B 140 10.36 -21.38 18.14
C ARG B 140 11.48 -22.24 18.70
N GLU B 141 12.09 -21.79 19.80
CA GLU B 141 13.30 -22.41 20.34
C GLU B 141 13.15 -23.90 20.56
N ALA B 142 13.81 -24.70 19.74
CA ALA B 142 13.80 -26.15 19.83
C ALA B 142 15.18 -26.69 19.47
N LYS B 143 15.50 -27.85 20.03
CA LYS B 143 16.77 -28.52 19.78
C LYS B 143 16.50 -29.90 19.17
N VAL B 144 17.18 -30.19 18.06
CA VAL B 144 17.08 -31.48 17.40
C VAL B 144 18.44 -32.17 17.53
N GLN B 145 18.44 -33.35 18.12
CA GLN B 145 19.65 -34.12 18.36
C GLN B 145 19.58 -35.41 17.55
N TRP B 146 20.64 -35.70 16.80
CA TRP B 146 20.74 -36.92 16.01
C TRP B 146 21.65 -37.91 16.70
N LYS B 147 21.24 -39.17 16.75
CA LYS B 147 22.00 -40.24 17.39
C LYS B 147 22.06 -41.45 16.48
N VAL B 148 23.24 -41.72 15.93
CA VAL B 148 23.49 -42.88 15.07
C VAL B 148 24.10 -43.97 15.92
N ASP B 149 23.37 -45.08 16.09
CA ASP B 149 23.72 -46.11 17.07
C ASP B 149 23.91 -45.48 18.45
N ASN B 150 23.05 -44.52 18.76
CA ASN B 150 23.09 -43.77 20.02
C ASN B 150 24.42 -43.02 20.19
N ALA B 151 24.86 -42.39 19.10
CA ALA B 151 26.08 -41.59 19.09
C ALA B 151 25.76 -40.19 18.62
N LEU B 152 26.22 -39.19 19.37
CA LEU B 152 25.91 -37.80 19.06
C LEU B 152 26.48 -37.42 17.68
N GLN B 153 25.62 -36.84 16.84
CA GLN B 153 25.99 -36.43 15.50
C GLN B 153 25.98 -34.91 15.40
N SER B 154 26.93 -34.37 14.63
CA SER B 154 27.04 -32.93 14.46
C SER B 154 27.71 -32.62 13.12
N GLY B 155 27.32 -31.51 12.51
CA GLY B 155 27.90 -31.05 11.27
C GLY B 155 27.41 -31.73 10.02
N ASN B 156 26.58 -32.76 10.14
CA ASN B 156 26.08 -33.48 8.97
C ASN B 156 24.55 -33.43 8.89
N SER B 157 23.92 -32.51 9.59
CA SER B 157 22.46 -32.37 9.60
C SER B 157 22.07 -30.95 9.23
N GLN B 158 21.01 -30.83 8.43
CA GLN B 158 20.45 -29.54 8.08
C GLN B 158 18.95 -29.56 8.38
N GLU B 159 18.39 -28.37 8.55
CA GLU B 159 16.98 -28.27 8.91
C GLU B 159 16.45 -26.88 8.60
N SER B 160 15.15 -26.81 8.38
CA SER B 160 14.43 -25.58 8.09
C SER B 160 13.34 -25.36 9.14
N VAL B 161 12.67 -24.23 9.05
CA VAL B 161 11.55 -23.91 9.93
C VAL B 161 10.58 -23.03 9.16
N THR B 162 9.31 -23.40 9.21
CA THR B 162 8.26 -22.59 8.62
C THR B 162 7.81 -21.53 9.63
N GLU B 163 7.00 -20.60 9.15
CA GLU B 163 6.44 -19.56 10.01
C GLU B 163 4.95 -19.82 10.23
N GLN B 164 4.40 -19.11 11.22
CA GLN B 164 3.03 -19.33 11.65
C GLN B 164 2.07 -19.24 10.47
N ASP B 165 1.37 -20.34 10.18
CA ASP B 165 0.33 -20.31 9.16
C ASP B 165 -0.80 -19.36 9.53
N SER B 166 -0.82 -18.87 10.77
CA SER B 166 -1.74 -17.85 11.29
C SER B 166 -3.16 -18.38 11.48
N LYS B 167 -3.38 -19.68 11.30
CA LYS B 167 -4.62 -20.31 11.75
C LYS B 167 -4.49 -20.75 13.21
N ASP B 168 -3.40 -21.44 13.54
CA ASP B 168 -3.09 -21.81 14.90
C ASP B 168 -1.86 -21.12 15.46
N SER B 169 -1.14 -20.37 14.62
CA SER B 169 0.06 -19.62 15.05
C SER B 169 1.12 -20.56 15.61
N THR B 170 1.48 -21.57 14.81
CA THR B 170 2.44 -22.59 15.21
C THR B 170 3.52 -22.75 14.15
N TYR B 171 4.75 -23.02 14.60
CA TYR B 171 5.86 -23.28 13.71
C TYR B 171 5.94 -24.77 13.37
N SER B 172 6.92 -25.13 12.55
CA SER B 172 7.20 -26.51 12.24
C SER B 172 8.65 -26.62 11.77
N LEU B 173 9.33 -27.69 12.19
CA LEU B 173 10.76 -27.83 11.99
C LEU B 173 11.07 -29.25 11.53
N SER B 174 11.99 -29.38 10.58
CA SER B 174 12.33 -30.69 10.01
C SER B 174 13.82 -30.76 9.74
N SER B 175 14.50 -31.70 10.38
CA SER B 175 15.94 -31.92 10.19
C SER B 175 16.18 -33.04 9.19
N THR B 176 17.17 -32.84 8.33
CA THR B 176 17.60 -33.87 7.39
C THR B 176 19.07 -34.22 7.66
N LEU B 177 19.32 -35.49 7.95
CA LEU B 177 20.66 -35.99 8.19
C LEU B 177 21.19 -36.59 6.89
N THR B 178 22.40 -36.19 6.51
CA THR B 178 22.99 -36.59 5.24
C THR B 178 24.26 -37.39 5.49
N LEU B 179 24.26 -38.64 5.02
CA LEU B 179 25.43 -39.51 5.08
C LEU B 179 25.48 -40.34 3.80
N SER B 180 26.64 -40.95 3.56
CA SER B 180 26.84 -41.77 2.39
C SER B 180 26.11 -43.12 2.55
N LYS B 181 26.02 -43.84 1.43
CA LYS B 181 25.41 -45.17 1.48
C LYS B 181 26.22 -46.11 2.35
N ALA B 182 27.55 -46.01 2.31
CA ALA B 182 28.39 -46.88 3.12
C ALA B 182 28.21 -46.61 4.60
N ASP B 183 28.20 -45.33 4.99
CA ASP B 183 28.00 -44.98 6.40
C ASP B 183 26.59 -45.32 6.87
N TYR B 184 25.62 -45.34 5.96
CA TYR B 184 24.26 -45.71 6.32
C TYR B 184 24.18 -47.18 6.74
N GLU B 185 24.80 -48.07 5.97
CA GLU B 185 24.69 -49.50 6.20
C GLU B 185 25.67 -50.00 7.25
N LYS B 186 26.65 -49.20 7.64
CA LYS B 186 27.50 -49.56 8.77
C LYS B 186 26.73 -49.52 10.09
N HIS B 187 25.59 -48.84 10.13
CA HIS B 187 24.85 -48.61 11.35
C HIS B 187 23.39 -48.99 11.13
N LYS B 188 22.65 -49.09 12.22
CA LYS B 188 21.25 -49.50 12.13
C LYS B 188 20.30 -48.72 13.04
N VAL B 189 20.75 -48.18 14.17
CA VAL B 189 19.88 -47.42 15.07
C VAL B 189 20.04 -45.94 14.75
N TYR B 190 18.96 -45.32 14.27
CA TYR B 190 18.92 -43.91 13.91
C TYR B 190 17.80 -43.24 14.69
N ALA B 191 18.18 -42.32 15.59
CA ALA B 191 17.23 -41.68 16.48
C ALA B 191 17.19 -40.17 16.25
N CYS B 192 16.13 -39.54 16.75
CA CYS B 192 15.93 -38.10 16.66
C CYS B 192 15.45 -37.61 18.01
N GLU B 193 16.36 -37.10 18.83
CA GLU B 193 16.03 -36.60 20.15
C GLU B 193 15.58 -35.14 20.05
N VAL B 194 14.38 -34.85 20.53
CA VAL B 194 13.79 -33.52 20.46
C VAL B 194 13.72 -32.95 21.87
N THR B 195 14.35 -31.78 22.05
CA THR B 195 14.30 -31.06 23.32
C THR B 195 13.44 -29.81 23.12
N HIS B 196 12.40 -29.67 23.94
CA HIS B 196 11.50 -28.55 23.80
C HIS B 196 10.80 -28.30 25.13
N GLN B 197 10.28 -27.09 25.29
CA GLN B 197 9.63 -26.72 26.55
C GLN B 197 8.34 -27.51 26.76
N GLY B 198 7.48 -27.55 25.75
CA GLY B 198 6.21 -28.24 25.86
C GLY B 198 6.32 -29.74 26.01
N LEU B 199 7.54 -30.23 26.21
CA LEU B 199 7.80 -31.64 26.47
C LEU B 199 8.48 -31.74 27.83
N SER B 200 7.87 -32.49 28.75
CA SER B 200 8.44 -32.65 30.08
C SER B 200 9.74 -33.43 30.06
N SER B 201 10.05 -34.12 28.98
CA SER B 201 11.28 -34.87 28.82
C SER B 201 11.58 -34.99 27.34
N PRO B 202 12.85 -35.06 26.94
CA PRO B 202 13.17 -35.19 25.51
C PRO B 202 12.52 -36.41 24.88
N VAL B 203 11.75 -36.18 23.84
CA VAL B 203 11.06 -37.24 23.10
C VAL B 203 11.97 -37.71 21.98
N THR B 204 12.17 -39.03 21.91
CA THR B 204 13.08 -39.63 20.93
C THR B 204 12.29 -40.60 20.05
N LYS B 205 12.37 -40.39 18.74
CA LYS B 205 11.79 -41.29 17.75
C LYS B 205 12.93 -41.98 17.02
N SER B 206 12.86 -43.30 16.92
CA SER B 206 13.94 -44.08 16.33
C SER B 206 13.39 -45.20 15.47
N PHE B 207 14.21 -45.63 14.51
CA PHE B 207 13.93 -46.79 13.69
C PHE B 207 15.20 -47.62 13.57
N ASN B 208 15.09 -48.79 12.95
CA ASN B 208 16.23 -49.66 12.76
C ASN B 208 16.44 -49.94 11.27
N ARG B 209 17.55 -50.61 10.98
CA ARG B 209 17.97 -50.93 9.60
C ARG B 209 18.26 -49.66 8.80
N GLN C 1 -10.78 -8.13 -12.56
CA GLN C 1 -9.49 -7.82 -11.96
C GLN C 1 -8.40 -7.70 -13.01
N VAL C 2 -7.20 -7.34 -12.57
CA VAL C 2 -6.05 -7.16 -13.45
C VAL C 2 -4.89 -7.98 -12.88
N GLN C 3 -4.58 -9.09 -13.53
CA GLN C 3 -3.50 -9.97 -13.09
C GLN C 3 -2.18 -9.54 -13.70
N LEU C 4 -1.11 -9.81 -12.96
CA LEU C 4 0.26 -9.50 -13.38
C LEU C 4 1.13 -10.72 -13.12
N GLN C 5 1.82 -11.20 -14.15
CA GLN C 5 2.68 -12.37 -14.04
C GLN C 5 4.05 -12.03 -14.61
N GLU C 6 5.07 -12.09 -13.75
CA GLU C 6 6.44 -11.86 -14.19
C GLU C 6 7.03 -13.14 -14.79
N SER C 7 7.74 -12.98 -15.91
CA SER C 7 8.40 -14.08 -16.58
C SER C 7 9.85 -13.71 -16.86
N GLY C 8 10.75 -14.67 -16.67
CA GLY C 8 12.15 -14.45 -16.92
C GLY C 8 13.03 -15.49 -16.27
N PRO C 9 14.34 -15.39 -16.51
CA PRO C 9 15.27 -16.40 -15.97
C PRO C 9 15.38 -16.30 -14.45
N GLY C 10 15.51 -17.45 -13.81
CA GLY C 10 15.79 -17.51 -12.40
C GLY C 10 17.26 -17.44 -12.04
N LEU C 11 18.14 -17.52 -13.04
CA LEU C 11 19.59 -17.46 -12.85
C LEU C 11 20.18 -16.48 -13.85
N VAL C 12 21.05 -15.59 -13.37
CA VAL C 12 21.74 -14.61 -14.20
C VAL C 12 23.19 -14.54 -13.76
N LYS C 13 24.11 -14.87 -14.67
CA LYS C 13 25.52 -14.81 -14.36
C LYS C 13 25.95 -13.35 -14.20
N PRO C 14 26.86 -13.04 -13.27
CA PRO C 14 27.23 -11.64 -13.02
C PRO C 14 27.73 -10.92 -14.27
N SER C 15 27.72 -9.60 -14.19
CA SER C 15 28.09 -8.65 -15.24
C SER C 15 27.14 -8.68 -16.43
N GLU C 16 26.12 -9.54 -16.42
CA GLU C 16 25.14 -9.62 -17.49
C GLU C 16 23.97 -8.69 -17.20
N SER C 17 23.27 -8.29 -18.25
CA SER C 17 22.08 -7.45 -18.12
C SER C 17 20.90 -8.32 -17.72
N LEU C 18 20.40 -8.12 -16.51
CA LEU C 18 19.19 -8.81 -16.07
C LEU C 18 17.99 -8.34 -16.89
N SER C 19 17.08 -9.26 -17.18
CA SER C 19 15.91 -8.93 -17.99
C SER C 19 14.70 -9.72 -17.51
N LEU C 20 13.63 -9.01 -17.19
CA LEU C 20 12.37 -9.63 -16.80
C LEU C 20 11.23 -8.92 -17.53
N THR C 21 10.11 -9.63 -17.67
CA THR C 21 8.96 -9.14 -18.41
C THR C 21 7.70 -9.38 -17.59
N CYS C 22 6.91 -8.32 -17.40
CA CYS C 22 5.63 -8.41 -16.71
C CYS C 22 4.49 -8.39 -17.75
N SER C 23 3.56 -9.33 -17.61
CA SER C 23 2.42 -9.45 -18.50
C SER C 23 1.16 -9.04 -17.76
N VAL C 24 0.43 -8.08 -18.34
CA VAL C 24 -0.80 -7.57 -17.74
C VAL C 24 -1.99 -8.17 -18.47
N SER C 25 -2.92 -8.74 -17.71
CA SER C 25 -4.06 -9.43 -18.27
C SER C 25 -5.36 -8.76 -17.84
N GLY C 26 -6.37 -8.83 -18.71
CA GLY C 26 -7.69 -8.32 -18.41
C GLY C 26 -7.88 -6.84 -18.59
N GLY C 27 -6.83 -6.09 -18.95
CA GLY C 27 -6.96 -4.66 -19.12
C GLY C 27 -5.99 -4.14 -20.17
N SER C 28 -6.21 -2.89 -20.55
CA SER C 28 -5.34 -2.23 -21.52
C SER C 28 -4.09 -1.71 -20.83
N VAL C 29 -2.93 -2.09 -21.34
CA VAL C 29 -1.67 -1.62 -20.77
C VAL C 29 -1.54 -0.11 -20.97
N SER C 30 -2.06 0.42 -22.07
CA SER C 30 -2.06 1.85 -22.28
C SER C 30 -3.11 2.49 -21.37
N SER C 31 -2.67 3.46 -20.57
CA SER C 31 -3.57 4.15 -19.66
C SER C 31 -3.26 5.64 -19.67
N ASN C 32 -4.31 6.45 -19.64
CA ASN C 32 -4.16 7.90 -19.73
C ASN C 32 -3.42 8.46 -18.52
N LEU C 33 -3.64 7.88 -17.33
CA LEU C 33 -3.06 8.38 -16.08
C LEU C 33 -2.60 7.18 -15.26
N HIS C 34 -1.38 6.73 -15.53
CA HIS C 34 -0.90 5.52 -14.87
C HIS C 34 0.59 5.31 -15.09
N TYR C 35 1.24 4.67 -14.10
CA TYR C 35 2.65 4.30 -14.14
C TYR C 35 2.82 2.81 -13.84
N TRP C 36 3.82 2.19 -14.49
CA TRP C 36 4.14 0.78 -14.28
C TRP C 36 5.54 0.68 -13.67
N SER C 37 5.67 -0.08 -12.58
CA SER C 37 6.89 -0.05 -11.78
C SER C 37 7.42 -1.45 -11.51
N TRP C 38 8.65 -1.50 -10.99
CA TRP C 38 9.31 -2.73 -10.56
C TRP C 38 9.93 -2.52 -9.18
N ILE C 39 9.87 -3.55 -8.34
CA ILE C 39 10.35 -3.48 -6.96
C ILE C 39 10.95 -4.82 -6.57
N ARG C 40 12.10 -4.78 -5.87
CA ARG C 40 12.84 -5.97 -5.50
C ARG C 40 12.76 -6.24 -4.00
N GLN C 41 12.90 -7.51 -3.62
CA GLN C 41 12.84 -7.97 -2.24
C GLN C 41 14.13 -8.68 -1.84
N LEU C 42 14.71 -8.24 -0.73
CA LEU C 42 15.77 -8.99 -0.08
C LEU C 42 15.50 -9.14 1.41
N PRO C 43 15.71 -10.35 1.95
CA PRO C 43 15.63 -10.52 3.41
C PRO C 43 16.75 -9.75 4.09
N GLY C 44 16.36 -8.86 5.00
CA GLY C 44 17.29 -7.97 5.69
C GLY C 44 17.18 -6.53 5.23
N LYS C 45 16.77 -6.30 3.98
CA LYS C 45 16.56 -4.96 3.46
C LYS C 45 15.09 -4.64 3.22
N GLY C 46 14.22 -5.64 3.22
CA GLY C 46 12.80 -5.40 3.01
C GLY C 46 12.51 -5.22 1.53
N LEU C 47 11.73 -4.19 1.20
CA LEU C 47 11.40 -3.85 -0.17
C LEU C 47 12.22 -2.65 -0.61
N GLU C 48 12.53 -2.60 -1.91
CA GLU C 48 13.22 -1.46 -2.50
C GLU C 48 12.62 -1.17 -3.86
N TRP C 49 12.01 0.01 -3.98
CA TRP C 49 11.51 0.47 -5.27
C TRP C 49 12.66 0.65 -6.27
N ILE C 50 12.38 0.36 -7.54
CA ILE C 50 13.40 0.37 -8.57
C ILE C 50 13.08 1.42 -9.63
N GLY C 51 12.17 1.09 -10.54
CA GLY C 51 11.80 1.97 -11.63
C GLY C 51 10.30 2.16 -11.70
N TYR C 52 9.90 2.97 -12.69
CA TYR C 52 8.50 3.37 -12.87
C TYR C 52 8.33 4.19 -14.14
N ILE C 53 7.36 3.81 -14.98
CA ILE C 53 7.23 4.35 -16.33
C ILE C 53 5.76 4.55 -16.69
N SER C 54 5.47 5.63 -17.42
CA SER C 54 4.15 5.90 -17.97
C SER C 54 3.98 5.24 -19.34
N TYR C 55 2.75 5.30 -19.86
CA TYR C 55 2.53 4.80 -21.22
C TYR C 55 3.36 5.56 -22.24
N THR C 56 3.39 6.89 -22.13
CA THR C 56 4.24 7.69 -23.01
C THR C 56 5.69 7.24 -22.89
N GLY C 57 6.10 6.83 -21.68
CA GLY C 57 7.41 6.27 -21.46
C GLY C 57 8.14 6.91 -20.30
N SER C 58 7.57 7.97 -19.74
CA SER C 58 8.29 8.83 -18.80
C SER C 58 8.90 8.05 -17.65
N THR C 59 10.21 8.21 -17.46
CA THR C 59 10.96 7.46 -16.47
C THR C 59 11.56 8.38 -15.41
N LYS C 60 11.57 7.88 -14.17
CA LYS C 60 12.54 8.25 -13.15
C LYS C 60 12.96 6.96 -12.48
N TYR C 61 14.17 6.92 -11.95
CA TYR C 61 14.70 5.69 -11.37
C TYR C 61 15.24 5.95 -9.97
N ASN C 62 15.44 4.87 -9.23
CA ASN C 62 15.99 4.96 -7.88
C ASN C 62 17.44 5.42 -7.96
N PRO C 63 17.79 6.57 -7.36
CA PRO C 63 19.19 7.01 -7.41
C PRO C 63 20.16 6.10 -6.68
N SER C 64 19.68 5.13 -5.89
CA SER C 64 20.58 4.15 -5.30
C SER C 64 21.27 3.33 -6.38
N LEU C 65 20.54 2.96 -7.43
CA LEU C 65 21.11 2.28 -8.59
C LEU C 65 21.47 3.32 -9.64
N ASN C 66 22.76 3.43 -9.95
CA ASN C 66 23.26 4.51 -10.80
C ASN C 66 22.89 4.23 -12.25
N GLY C 67 21.62 4.41 -12.57
CA GLY C 67 21.16 4.37 -13.94
C GLY C 67 21.21 2.99 -14.57
N ARG C 68 21.61 1.99 -13.78
CA ARG C 68 21.65 0.63 -14.30
C ARG C 68 20.28 0.08 -14.65
N VAL C 69 19.21 0.76 -14.26
CA VAL C 69 17.84 0.31 -14.48
C VAL C 69 17.31 0.95 -15.75
N THR C 70 16.67 0.15 -16.60
CA THR C 70 16.01 0.68 -17.79
C THR C 70 14.79 -0.19 -18.05
N LEU C 71 13.61 0.41 -17.91
CA LEU C 71 12.36 -0.28 -18.20
C LEU C 71 11.87 0.13 -19.58
N SER C 72 10.85 -0.58 -20.07
CA SER C 72 10.29 -0.30 -21.38
C SER C 72 8.92 -0.95 -21.49
N ILE C 73 8.05 -0.34 -22.29
CA ILE C 73 6.68 -0.80 -22.49
C ILE C 73 6.46 -1.08 -23.97
N ASP C 74 5.74 -2.16 -24.28
CA ASP C 74 5.29 -2.46 -25.62
C ASP C 74 3.78 -2.68 -25.55
N ALA C 75 3.02 -1.71 -26.05
CA ALA C 75 1.56 -1.80 -25.99
C ALA C 75 1.00 -2.90 -26.89
N SER C 76 1.78 -3.33 -27.89
CA SER C 76 1.30 -4.39 -28.78
C SER C 76 1.19 -5.74 -28.09
N LYS C 77 1.80 -5.89 -26.91
CA LYS C 77 1.79 -7.17 -26.20
C LYS C 77 1.29 -7.03 -24.75
N ASN C 78 0.85 -5.84 -24.35
CA ASN C 78 0.40 -5.58 -22.97
C ASN C 78 1.48 -5.96 -21.96
N GLN C 79 2.73 -5.65 -22.30
CA GLN C 79 3.88 -6.02 -21.50
C GLN C 79 4.75 -4.81 -21.21
N PHE C 80 5.51 -4.91 -20.12
CA PHE C 80 6.55 -3.93 -19.80
C PHE C 80 7.68 -4.67 -19.09
N SER C 81 8.91 -4.34 -19.47
CA SER C 81 10.07 -5.14 -19.09
C SER C 81 10.99 -4.37 -18.15
N LEU C 82 11.89 -5.12 -17.53
CA LEU C 82 12.96 -4.59 -16.68
C LEU C 82 14.31 -5.02 -17.24
N GLU C 83 15.26 -4.09 -17.23
CA GLU C 83 16.61 -4.36 -17.73
C GLU C 83 17.61 -3.74 -16.77
N LEU C 84 18.30 -4.58 -16.01
CA LEU C 84 19.30 -4.14 -15.04
C LEU C 84 20.68 -4.60 -15.53
N SER C 85 21.52 -3.63 -15.91
CA SER C 85 22.83 -3.94 -16.46
C SER C 85 23.85 -4.08 -15.33
N SER C 86 24.83 -4.95 -15.57
CA SER C 86 25.96 -5.18 -14.67
C SER C 86 25.46 -5.54 -13.26
N VAL C 87 24.95 -6.76 -13.15
CA VAL C 87 24.42 -7.26 -11.90
C VAL C 87 25.54 -7.93 -11.11
N THR C 88 25.53 -7.71 -9.80
CA THR C 88 26.47 -8.34 -8.87
C THR C 88 25.69 -9.19 -7.88
N ALA C 89 26.43 -9.81 -6.95
CA ALA C 89 25.80 -10.68 -5.96
C ALA C 89 24.79 -9.94 -5.10
N ALA C 90 24.91 -8.61 -4.98
CA ALA C 90 23.97 -7.81 -4.23
C ALA C 90 22.67 -7.55 -4.99
N ASP C 91 22.48 -8.17 -6.16
CA ASP C 91 21.27 -7.99 -6.95
C ASP C 91 20.37 -9.22 -6.97
N THR C 92 20.81 -10.35 -6.45
CA THR C 92 19.91 -11.46 -6.17
C THR C 92 18.78 -10.99 -5.26
N ALA C 93 17.54 -11.27 -5.65
CA ALA C 93 16.37 -10.78 -4.91
C ALA C 93 15.11 -11.39 -5.49
N VAL C 94 13.96 -10.97 -4.94
CA VAL C 94 12.65 -11.29 -5.49
C VAL C 94 12.12 -10.03 -6.17
N TYR C 95 11.81 -10.13 -7.46
CA TYR C 95 11.34 -8.98 -8.22
C TYR C 95 9.84 -9.07 -8.46
N TYR C 96 9.13 -7.98 -8.16
CA TYR C 96 7.69 -7.87 -8.34
C TYR C 96 7.40 -6.80 -9.39
N CYS C 97 6.34 -7.03 -10.17
CA CYS C 97 5.81 -6.01 -11.08
C CYS C 97 4.45 -5.57 -10.56
N ALA C 98 4.22 -4.25 -10.54
CA ALA C 98 3.07 -3.70 -9.85
C ALA C 98 2.38 -2.62 -10.67
N ARG C 99 1.05 -2.62 -10.62
CA ARG C 99 0.22 -1.60 -11.24
C ARG C 99 0.01 -0.47 -10.24
N ASP C 100 0.43 0.74 -10.60
CA ASP C 100 0.42 1.87 -9.67
C ASP C 100 -0.31 3.07 -10.27
N PHE C 101 -1.11 3.73 -9.43
CA PHE C 101 -1.77 4.97 -9.83
C PHE C 101 -1.25 6.13 -8.99
N PHE C 102 -1.15 7.29 -9.63
CA PHE C 102 -0.69 8.51 -9.02
C PHE C 102 -1.82 9.52 -9.12
N GLU C 103 -2.08 10.25 -8.04
CA GLU C 103 -3.27 11.08 -7.98
C GLU C 103 -2.94 12.55 -7.77
N LYS C 104 -2.12 12.87 -6.77
CA LYS C 104 -1.70 14.23 -6.43
C LYS C 104 -2.81 15.24 -6.70
N LEU C 105 -3.80 15.29 -5.82
CA LEU C 105 -4.96 16.14 -6.02
C LEU C 105 -4.89 17.42 -5.19
N ILE C 106 -4.53 17.31 -3.92
CA ILE C 106 -4.24 18.46 -3.07
C ILE C 106 -3.04 18.13 -2.21
N ALA C 107 -2.88 16.84 -1.87
CA ALA C 107 -1.84 16.43 -0.94
C ALA C 107 -0.45 16.44 -1.58
N ASP C 108 -0.37 16.45 -2.92
CA ASP C 108 0.88 16.37 -3.65
C ASP C 108 1.67 15.11 -3.29
N ASP C 109 0.96 14.09 -2.81
CA ASP C 109 1.51 12.81 -2.43
C ASP C 109 1.09 11.76 -3.45
N LEU C 110 0.44 10.71 -2.98
CA LEU C 110 -0.47 9.89 -3.76
C LEU C 110 0.26 9.08 -4.83
N ASN C 111 1.43 8.55 -4.46
CA ASN C 111 2.03 7.43 -5.17
C ASN C 111 1.43 6.17 -4.56
N ALA C 112 0.45 5.59 -5.25
CA ALA C 112 -0.28 4.43 -4.75
C ALA C 112 0.14 3.19 -5.52
N PHE C 113 0.49 2.13 -4.80
CA PHE C 113 0.87 0.85 -5.38
C PHE C 113 -0.31 -0.11 -5.17
N ASP C 114 -1.16 -0.21 -6.18
CA ASP C 114 -2.44 -0.89 -6.05
C ASP C 114 -2.29 -2.41 -6.12
N ILE C 115 -2.10 -2.96 -7.32
CA ILE C 115 -1.99 -4.41 -7.50
C ILE C 115 -0.52 -4.81 -7.53
N TRP C 116 -0.23 -5.99 -6.99
CA TRP C 116 1.11 -6.55 -6.93
C TRP C 116 1.11 -7.91 -7.61
N GLY C 117 2.23 -8.24 -8.27
CA GLY C 117 2.38 -9.50 -8.94
C GLY C 117 2.82 -10.63 -8.02
N GLN C 118 2.79 -11.84 -8.55
CA GLN C 118 3.19 -13.01 -7.76
C GLN C 118 4.67 -12.94 -7.40
N GLY C 119 5.53 -12.85 -8.41
CA GLY C 119 6.95 -12.69 -8.16
C GLY C 119 7.84 -13.70 -8.82
N THR C 120 9.11 -13.33 -9.04
CA THR C 120 10.10 -14.23 -9.63
C THR C 120 11.42 -14.02 -8.93
N MET C 121 11.99 -15.10 -8.40
CA MET C 121 13.33 -15.05 -7.83
C MET C 121 14.38 -14.98 -8.93
N VAL C 122 15.44 -14.21 -8.66
CA VAL C 122 16.61 -14.14 -9.54
C VAL C 122 17.84 -14.37 -8.67
N THR C 123 18.84 -15.01 -9.26
CA THR C 123 20.09 -15.34 -8.57
C THR C 123 21.27 -14.90 -9.42
N VAL C 124 22.35 -14.49 -8.74
CA VAL C 124 23.54 -13.97 -9.41
C VAL C 124 24.76 -14.84 -9.09
N SER C 125 24.55 -16.06 -8.60
CA SER C 125 25.68 -16.94 -8.32
C SER C 125 26.45 -17.28 -9.59
N GLY C 126 25.75 -17.42 -10.71
CA GLY C 126 26.38 -17.65 -12.00
C GLY C 126 27.24 -18.90 -12.06
N ALA C 127 26.65 -20.05 -11.75
CA ALA C 127 27.37 -21.31 -11.80
C ALA C 127 26.76 -22.15 -12.90
N SER C 128 25.77 -23.00 -12.60
CA SER C 128 25.13 -23.84 -13.61
C SER C 128 23.74 -24.20 -13.10
N THR C 129 23.04 -25.02 -13.89
CA THR C 129 21.68 -25.44 -13.57
C THR C 129 21.61 -26.97 -13.57
N LYS C 130 20.96 -27.53 -12.55
CA LYS C 130 20.72 -28.96 -12.50
C LYS C 130 19.41 -29.21 -11.77
N GLY C 131 18.62 -30.15 -12.29
CA GLY C 131 17.32 -30.45 -11.75
C GLY C 131 17.37 -31.20 -10.44
N PRO C 132 16.25 -31.23 -9.73
CA PRO C 132 16.20 -31.88 -8.42
C PRO C 132 16.00 -33.39 -8.53
N SER C 133 16.00 -34.03 -7.37
CA SER C 133 15.70 -35.45 -7.25
C SER C 133 14.64 -35.61 -6.16
N VAL C 134 13.46 -36.10 -6.54
CA VAL C 134 12.34 -36.21 -5.63
C VAL C 134 12.34 -37.59 -4.99
N PHE C 135 12.32 -37.63 -3.65
CA PHE C 135 12.30 -38.88 -2.92
C PHE C 135 11.12 -38.85 -1.94
N PRO C 136 10.31 -39.90 -1.87
CA PRO C 136 9.16 -39.90 -0.97
C PRO C 136 9.57 -40.13 0.48
N LEU C 137 8.63 -39.80 1.37
CA LEU C 137 8.80 -40.01 2.81
C LEU C 137 7.63 -40.84 3.31
N ALA C 138 7.87 -42.12 3.57
CA ALA C 138 6.83 -43.06 3.94
C ALA C 138 6.26 -42.74 5.31
N PRO C 139 5.05 -43.20 5.62
CA PRO C 139 4.47 -42.96 6.94
C PRO C 139 4.93 -44.00 7.96
N SER C 140 4.64 -43.71 9.22
CA SER C 140 4.88 -44.69 10.28
C SER C 140 3.83 -45.80 10.25
N SER C 141 2.56 -45.42 10.07
CA SER C 141 1.46 -46.36 9.82
C SER C 141 1.32 -47.38 10.95
N LYS C 142 1.24 -46.87 12.19
CA LYS C 142 0.95 -47.74 13.32
C LYS C 142 -0.54 -47.83 13.59
N SER C 143 -1.29 -46.76 13.35
CA SER C 143 -2.74 -46.72 13.54
C SER C 143 -3.15 -47.13 14.95
N GLY C 147 -3.25 -41.58 16.79
CA GLY C 147 -4.05 -42.03 15.67
C GLY C 147 -3.94 -41.11 14.46
N THR C 148 -2.74 -40.62 14.20
CA THR C 148 -2.48 -39.73 13.08
C THR C 148 -1.11 -40.03 12.50
N ALA C 149 -1.02 -40.04 11.17
CA ALA C 149 0.22 -40.32 10.46
C ALA C 149 0.66 -39.07 9.70
N ALA C 150 1.87 -39.16 9.13
CA ALA C 150 2.44 -38.05 8.38
C ALA C 150 3.26 -38.61 7.21
N LEU C 151 3.24 -37.88 6.09
CA LEU C 151 3.98 -38.27 4.91
C LEU C 151 4.37 -37.02 4.12
N GLY C 152 5.41 -37.16 3.31
CA GLY C 152 5.89 -36.03 2.54
C GLY C 152 6.80 -36.46 1.42
N CYS C 153 7.42 -35.46 0.79
CA CYS C 153 8.36 -35.66 -0.31
C CYS C 153 9.65 -34.90 -0.04
N LEU C 154 10.77 -35.58 -0.29
CA LEU C 154 12.10 -35.00 -0.09
C LEU C 154 12.68 -34.55 -1.42
N VAL C 155 13.08 -33.29 -1.48
CA VAL C 155 13.61 -32.67 -2.70
C VAL C 155 15.06 -32.29 -2.45
N LYS C 156 15.95 -32.77 -3.32
CA LYS C 156 17.38 -32.51 -3.23
C LYS C 156 17.89 -32.02 -4.58
N ASP C 157 18.92 -31.20 -4.54
CA ASP C 157 19.55 -30.64 -5.74
C ASP C 157 18.56 -29.77 -6.53
N PRO C 160 18.65 -23.47 -8.29
CA PRO C 160 18.32 -22.04 -8.18
C PRO C 160 17.00 -21.79 -7.46
N GLU C 161 15.92 -22.48 -7.85
CA GLU C 161 14.62 -22.25 -7.24
C GLU C 161 13.89 -23.54 -6.90
N PRO C 162 13.31 -23.63 -5.71
CA PRO C 162 12.56 -24.82 -5.30
C PRO C 162 11.15 -24.90 -5.87
N VAL C 163 10.78 -23.96 -6.75
CA VAL C 163 9.52 -23.93 -7.49
C VAL C 163 8.31 -24.36 -6.66
N THR C 164 7.35 -25.01 -7.31
CA THR C 164 6.06 -25.31 -6.73
C THR C 164 6.01 -26.76 -6.27
N VAL C 165 5.55 -26.98 -5.05
CA VAL C 165 5.28 -28.31 -4.51
C VAL C 165 3.82 -28.33 -4.09
N SER C 166 2.98 -28.99 -4.88
CA SER C 166 1.58 -29.16 -4.58
C SER C 166 1.27 -30.64 -4.40
N TRP C 167 0.16 -30.94 -3.72
CA TRP C 167 -0.22 -32.30 -3.38
C TRP C 167 -1.48 -32.67 -4.14
N ASN C 168 -1.37 -33.70 -4.99
CA ASN C 168 -2.49 -34.22 -5.77
C ASN C 168 -3.14 -33.12 -6.61
N SER C 169 -2.32 -32.40 -7.35
CA SER C 169 -2.71 -31.30 -8.24
C SER C 169 -3.38 -30.15 -7.49
N GLY C 170 -3.32 -30.14 -6.16
CA GLY C 170 -3.92 -29.09 -5.36
C GLY C 170 -5.16 -29.48 -4.59
N ALA C 171 -5.55 -30.76 -4.60
CA ALA C 171 -6.74 -31.17 -3.87
C ALA C 171 -6.50 -31.19 -2.37
N LEU C 172 -5.27 -31.47 -1.93
CA LEU C 172 -4.93 -31.58 -0.53
C LEU C 172 -4.07 -30.37 -0.16
N THR C 173 -4.65 -29.44 0.60
CA THR C 173 -3.98 -28.19 0.93
C THR C 173 -3.90 -27.92 2.43
N SER C 174 -4.98 -28.15 3.17
CA SER C 174 -4.98 -27.86 4.60
C SER C 174 -4.06 -28.82 5.35
N GLY C 175 -3.15 -28.27 6.14
CA GLY C 175 -2.21 -29.08 6.89
C GLY C 175 -0.94 -29.43 6.15
N VAL C 176 -0.46 -28.55 5.28
CA VAL C 176 0.75 -28.78 4.51
C VAL C 176 1.77 -27.72 4.90
N HIS C 177 2.95 -28.15 5.31
CA HIS C 177 4.05 -27.25 5.67
C HIS C 177 5.26 -27.62 4.82
N THR C 178 5.48 -26.85 3.76
CA THR C 178 6.66 -27.01 2.91
C THR C 178 7.80 -26.17 3.48
N PHE C 179 8.98 -26.77 3.58
CA PHE C 179 9.90 -25.93 4.33
C PHE C 179 10.87 -25.20 3.40
N PRO C 180 11.38 -24.04 3.83
CA PRO C 180 12.35 -23.32 3.03
C PRO C 180 13.62 -24.15 2.81
N ALA C 181 14.17 -24.03 1.61
CA ALA C 181 15.34 -24.82 1.25
C ALA C 181 16.56 -24.37 2.04
N VAL C 182 17.39 -25.33 2.43
CA VAL C 182 18.70 -25.06 3.01
C VAL C 182 19.75 -25.29 1.95
N LEU C 183 20.92 -24.68 2.15
CA LEU C 183 22.03 -24.78 1.21
C LEU C 183 23.02 -25.80 1.76
N GLN C 184 23.11 -26.97 1.13
CA GLN C 184 24.10 -27.95 1.53
C GLN C 184 25.49 -27.47 1.16
N SER C 185 26.50 -28.14 1.71
CA SER C 185 27.87 -27.82 1.39
C SER C 185 28.21 -28.11 -0.06
N SER C 186 27.36 -28.85 -0.76
CA SER C 186 27.56 -29.16 -2.17
C SER C 186 27.05 -28.07 -3.10
N GLY C 187 26.73 -26.88 -2.58
CA GLY C 187 26.20 -25.80 -3.37
C GLY C 187 24.78 -26.00 -3.86
N LEU C 188 24.20 -27.18 -3.67
CA LEU C 188 22.84 -27.48 -4.10
C LEU C 188 21.88 -27.39 -2.92
N TYR C 189 20.66 -26.95 -3.20
CA TYR C 189 19.66 -26.80 -2.17
C TYR C 189 18.93 -28.11 -1.90
N SER C 190 18.10 -28.10 -0.86
CA SER C 190 17.32 -29.26 -0.48
C SER C 190 16.24 -28.87 0.53
N LEU C 191 14.99 -29.26 0.27
CA LEU C 191 13.90 -29.03 1.21
C LEU C 191 13.01 -30.25 1.25
N SER C 192 11.96 -30.16 2.07
CA SER C 192 10.99 -31.23 2.23
C SER C 192 9.63 -30.62 2.48
N SER C 193 8.59 -31.19 1.87
CA SER C 193 7.22 -30.75 2.05
C SER C 193 6.41 -31.90 2.65
N VAL C 194 5.74 -31.63 3.76
CA VAL C 194 5.04 -32.67 4.52
C VAL C 194 3.57 -32.32 4.63
N VAL C 195 2.78 -33.33 5.01
CA VAL C 195 1.34 -33.16 5.23
C VAL C 195 0.88 -34.27 6.16
N THR C 196 0.00 -33.90 7.09
CA THR C 196 -0.55 -34.85 8.05
C THR C 196 -1.94 -35.29 7.61
N VAL C 197 -2.15 -36.61 7.59
CA VAL C 197 -3.39 -37.19 7.12
C VAL C 197 -3.91 -38.15 8.18
N PRO C 198 -5.18 -38.55 8.11
CA PRO C 198 -5.69 -39.55 9.05
C PRO C 198 -4.93 -40.86 8.91
N SER C 199 -4.62 -41.47 10.06
CA SER C 199 -3.91 -42.73 10.11
C SER C 199 -4.79 -43.93 9.78
N SER C 200 -5.93 -43.70 9.13
CA SER C 200 -6.84 -44.78 8.74
C SER C 200 -7.13 -44.83 7.25
N SER C 201 -6.66 -43.86 6.48
CA SER C 201 -6.85 -43.81 5.02
C SER C 201 -5.47 -43.79 4.37
N LEU C 202 -4.88 -44.96 4.22
CA LEU C 202 -3.55 -45.11 3.63
C LEU C 202 -3.51 -46.03 2.44
N GLY C 203 -4.18 -47.20 2.52
CA GLY C 203 -4.17 -48.14 1.42
C GLY C 203 -5.12 -47.82 0.30
N THR C 204 -6.17 -47.06 0.57
CA THR C 204 -7.14 -46.68 -0.45
C THR C 204 -6.95 -45.25 -0.96
N GLN C 205 -6.23 -44.41 -0.23
CA GLN C 205 -6.04 -43.02 -0.61
C GLN C 205 -4.65 -42.84 -1.21
N THR C 206 -4.62 -42.39 -2.46
CA THR C 206 -3.36 -42.18 -3.17
C THR C 206 -2.85 -40.76 -2.94
N TYR C 207 -1.57 -40.63 -2.61
CA TYR C 207 -0.94 -39.34 -2.36
C TYR C 207 0.19 -39.14 -3.36
N ILE C 208 0.15 -38.01 -4.07
CA ILE C 208 1.16 -37.69 -5.08
C ILE C 208 1.54 -36.22 -4.91
N CYS C 209 2.82 -35.94 -4.70
CA CYS C 209 3.31 -34.58 -4.67
C CYS C 209 3.74 -34.15 -6.06
N ASN C 210 3.59 -32.87 -6.34
CA ASN C 210 3.80 -32.31 -7.68
C ASN C 210 4.84 -31.21 -7.62
N VAL C 211 6.05 -31.51 -8.10
CA VAL C 211 7.13 -30.55 -8.18
C VAL C 211 7.39 -30.24 -9.65
N ASN C 212 7.61 -28.96 -9.96
CA ASN C 212 7.70 -28.50 -11.36
C ASN C 212 8.82 -27.45 -11.45
N HIS C 213 10.04 -27.92 -11.65
CA HIS C 213 11.20 -27.03 -11.68
C HIS C 213 11.19 -26.21 -12.97
N LYS C 214 11.14 -24.89 -12.84
CA LYS C 214 11.05 -23.98 -13.97
C LYS C 214 12.42 -23.65 -14.57
N PRO C 215 13.44 -23.29 -13.74
CA PRO C 215 14.77 -23.03 -14.33
C PRO C 215 15.47 -24.28 -14.84
N SER C 216 14.74 -25.39 -14.96
CA SER C 216 15.34 -26.59 -15.54
C SER C 216 14.32 -27.47 -16.26
N ASN C 217 13.06 -27.05 -16.40
CA ASN C 217 12.04 -27.77 -17.15
C ASN C 217 11.85 -29.19 -16.62
N THR C 218 11.70 -29.30 -15.29
CA THR C 218 11.60 -30.58 -14.62
C THR C 218 10.34 -30.61 -13.77
N LYS C 219 9.33 -31.36 -14.22
CA LYS C 219 8.12 -31.57 -13.46
C LYS C 219 8.00 -33.05 -13.13
N VAL C 220 7.89 -33.37 -11.84
CA VAL C 220 7.90 -34.74 -11.36
C VAL C 220 6.65 -34.98 -10.52
N ASP C 221 6.06 -36.17 -10.67
CA ASP C 221 4.89 -36.57 -9.89
C ASP C 221 5.20 -37.94 -9.26
N LYS C 222 5.56 -37.94 -7.99
CA LYS C 222 5.99 -39.13 -7.29
C LYS C 222 4.94 -39.57 -6.28
N ARG C 223 4.68 -40.87 -6.22
CA ARG C 223 3.70 -41.43 -5.30
C ARG C 223 4.36 -41.74 -3.96
N VAL C 224 3.78 -41.21 -2.88
CA VAL C 224 4.21 -41.53 -1.53
C VAL C 224 3.36 -42.69 -1.03
N GLU C 225 3.95 -43.86 -0.90
CA GLU C 225 3.21 -45.07 -0.60
C GLU C 225 3.79 -45.75 0.65
N PRO C 226 2.93 -46.20 1.58
CA PRO C 226 3.34 -46.87 2.82
C PRO C 226 4.25 -48.07 2.58
#